data_4PL7
#
_entry.id   4PL7
#
_cell.length_a   56.508
_cell.length_b   139.495
_cell.length_c   56.485
_cell.angle_alpha   90.000
_cell.angle_beta   116.210
_cell.angle_gamma   90.000
#
_symmetry.space_group_name_H-M   'P 1 21 1'
#
loop_
_entity.id
_entity.type
_entity.pdbx_description
1 polymer 'Actin,Thymosin beta-4'
2 non-polymer "ADENOSINE-5'-TRIPHOSPHATE"
3 non-polymer 'CALCIUM ION'
4 water water
#
_entity_poly.entity_id   1
_entity_poly.type   'polypeptide(L)'
_entity_poly.pdbx_seq_one_letter_code
;DGEDVAALVIDNGSGMCKAGYAGDDAPHTVFPSVVGRPRHQGVMVGMGQKDSFVGDEAQSKRGILTLRYPIEHGIVTNWD
DMEKIWHHTFYNELRLAPEEHPVLLTEAPMNPKSNREKMTQIMFETFNVPAFYVSIQAVLSLYASGRTTGIVLDSGDGVT
HVVPIYAGFSLPHAILRIDLAGRDLTDYLMKILSERGYTFSTSAEREIVRDIKEKLCYVALDFDQELQTSSQSSSIEKSY
ELPDGQVITIGNERFRAPEALFHPSVLGLEASGIDQTTYNSIMKCDVDVRKELYSNIVMSGGTTMFPGIAERMQKELTAL
APSSMKVKISAPPERKYSVWIGGSILASLGTFQQMWISKQEYDESGPSIVHLKCFASRGGSGGSSGGSASDKPDMAEIEK
FDKSKLKKTETQEKNPLPSKETIEQEKQAGESGTLEVLFQ
;
_entity_poly.pdbx_strand_id   A,B
#
loop_
_chem_comp.id
_chem_comp.type
_chem_comp.name
_chem_comp.formula
ATP non-polymer ADENOSINE-5'-TRIPHOSPHATE 'C10 H16 N5 O13 P3'
CA non-polymer 'CALCIUM ION' 'Ca 2'
#
# COMPACT_ATOMS: atom_id res chain seq x y z
N VAL A 5 -29.86 0.18 -33.14
CA VAL A 5 -29.61 1.59 -33.44
C VAL A 5 -28.12 1.87 -33.13
N ALA A 6 -27.75 3.13 -32.99
CA ALA A 6 -26.35 3.58 -32.94
C ALA A 6 -25.41 2.81 -31.98
N ALA A 7 -24.10 2.89 -32.23
CA ALA A 7 -23.13 2.26 -31.35
C ALA A 7 -23.02 3.06 -30.06
N LEU A 8 -22.73 2.39 -28.96
CA LEU A 8 -22.61 3.04 -27.63
C LEU A 8 -21.16 3.14 -27.18
N VAL A 9 -20.82 4.15 -26.40
CA VAL A 9 -19.46 4.24 -25.89
C VAL A 9 -19.55 4.30 -24.37
N ILE A 10 -18.99 3.32 -23.68
CA ILE A 10 -19.00 3.37 -22.24
C ILE A 10 -17.59 3.37 -21.68
N ASP A 11 -17.30 4.44 -20.96
CA ASP A 11 -16.04 4.64 -20.30
C ASP A 11 -16.28 4.50 -18.80
N ASN A 12 -15.83 3.37 -18.25
CA ASN A 12 -15.92 3.10 -16.82
C ASN A 12 -14.68 3.56 -16.05
N GLY A 13 -14.87 4.52 -15.16
CA GLY A 13 -13.78 4.99 -14.29
C GLY A 13 -13.88 4.56 -12.83
N SER A 14 -12.82 4.81 -12.06
CA SER A 14 -12.80 4.48 -10.65
C SER A 14 -13.90 5.18 -9.89
N GLY A 15 -14.07 6.47 -10.17
CA GLY A 15 -15.11 7.25 -9.55
C GLY A 15 -16.34 7.50 -10.39
N MET A 16 -16.15 7.68 -11.69
CA MET A 16 -17.28 8.07 -12.53
C MET A 16 -17.49 7.20 -13.76
N CYS A 17 -18.74 6.86 -14.00
CA CYS A 17 -19.09 6.18 -15.23
C CYS A 17 -19.62 7.18 -16.28
N LYS A 18 -19.02 7.12 -17.47
CA LYS A 18 -19.35 7.98 -18.60
C LYS A 18 -19.93 7.20 -19.75
N ALA A 19 -21.18 7.44 -20.11
CA ALA A 19 -21.79 6.67 -21.19
C ALA A 19 -22.43 7.57 -22.23
N GLY A 20 -22.55 7.06 -23.45
CA GLY A 20 -23.20 7.81 -24.50
C GLY A 20 -23.20 7.12 -25.84
N TYR A 21 -23.40 7.92 -26.89
CA TYR A 21 -23.55 7.41 -28.25
C TYR A 21 -22.39 7.81 -29.14
N ALA A 22 -21.88 6.86 -29.90
CA ALA A 22 -20.83 7.14 -30.88
C ALA A 22 -21.33 8.24 -31.81
N GLY A 23 -20.47 9.19 -32.15
CA GLY A 23 -20.87 10.30 -33.00
C GLY A 23 -21.32 11.56 -32.27
N ASP A 24 -21.74 11.44 -31.00
CA ASP A 24 -22.07 12.62 -30.19
C ASP A 24 -20.79 13.26 -29.70
N ASP A 25 -20.82 14.51 -29.25
CA ASP A 25 -19.57 15.18 -28.91
C ASP A 25 -19.24 15.17 -27.41
N ALA A 26 -19.99 14.39 -26.64
CA ALA A 26 -19.88 14.42 -25.17
C ALA A 26 -20.72 13.29 -24.57
N PRO A 27 -20.37 12.83 -23.36
CA PRO A 27 -21.18 11.74 -22.83
C PRO A 27 -22.62 12.16 -22.65
N HIS A 28 -23.56 11.24 -22.80
CA HIS A 28 -24.97 11.50 -22.57
C HIS A 28 -25.20 11.64 -21.07
N THR A 29 -24.68 10.68 -20.31
CA THR A 29 -24.90 10.64 -18.87
C THR A 29 -23.61 10.32 -18.14
N VAL A 30 -23.33 11.06 -17.08
CA VAL A 30 -22.19 10.74 -16.25
C VAL A 30 -22.71 10.59 -14.82
N PHE A 31 -22.37 9.48 -14.16
CA PHE A 31 -22.88 9.18 -12.81
C PHE A 31 -21.85 8.37 -12.02
N PRO A 32 -21.90 8.44 -10.67
CA PRO A 32 -20.83 7.83 -9.89
C PRO A 32 -20.80 6.31 -10.02
N SER A 33 -19.59 5.79 -10.07
CA SER A 33 -19.36 4.38 -10.33
C SER A 33 -19.46 3.58 -9.00
N VAL A 34 -20.68 3.52 -8.45
CA VAL A 34 -20.91 3.03 -7.08
C VAL A 34 -22.19 2.21 -6.90
N VAL A 35 -22.13 1.20 -6.02
CA VAL A 35 -23.30 0.41 -5.64
C VAL A 35 -23.48 0.39 -4.12
N GLY A 36 -24.74 0.45 -3.69
CA GLY A 36 -25.07 0.37 -2.28
C GLY A 36 -25.95 -0.85 -1.98
N SER A 52 -31.51 -3.31 -4.67
CA SER A 52 -30.31 -2.47 -4.49
C SER A 52 -30.21 -1.28 -5.48
N PHE A 53 -29.31 -0.35 -5.18
CA PHE A 53 -29.24 0.92 -5.90
C PHE A 53 -27.82 1.23 -6.40
N VAL A 54 -27.75 1.85 -7.58
CA VAL A 54 -26.49 2.05 -8.32
C VAL A 54 -26.24 3.51 -8.63
N GLY A 55 -25.00 3.95 -8.52
CA GLY A 55 -24.66 5.27 -9.02
C GLY A 55 -25.40 6.42 -8.35
N ASP A 56 -26.03 7.27 -9.17
CA ASP A 56 -26.68 8.47 -8.65
C ASP A 56 -27.78 8.17 -7.62
N GLU A 57 -28.50 7.06 -7.78
CA GLU A 57 -29.62 6.79 -6.87
C GLU A 57 -29.11 6.24 -5.53
N ALA A 58 -27.97 5.56 -5.60
CA ALA A 58 -27.29 5.06 -4.41
C ALA A 58 -26.67 6.25 -3.69
N GLN A 59 -26.21 7.22 -4.48
CA GLN A 59 -25.57 8.40 -3.95
C GLN A 59 -26.52 9.09 -3.01
N SER A 60 -27.70 9.39 -3.54
CA SER A 60 -28.75 10.15 -2.84
C SER A 60 -29.40 9.40 -1.67
N LYS A 61 -29.08 8.12 -1.52
CA LYS A 61 -29.67 7.30 -0.45
C LYS A 61 -28.58 6.70 0.39
N ARG A 62 -27.40 7.33 0.35
CA ARG A 62 -26.26 6.86 1.11
C ARG A 62 -26.47 7.02 2.62
N GLY A 63 -27.53 7.74 3.01
CA GLY A 63 -27.86 7.87 4.41
C GLY A 63 -28.13 6.48 4.98
N ILE A 64 -28.88 5.68 4.24
CA ILE A 64 -29.30 4.39 4.76
C ILE A 64 -28.53 3.25 4.09
N LEU A 65 -27.48 3.60 3.35
CA LEU A 65 -26.78 2.60 2.54
C LEU A 65 -25.29 2.50 2.81
N THR A 66 -24.76 1.32 2.53
CA THR A 66 -23.32 1.07 2.54
C THR A 66 -22.86 0.96 1.07
N LEU A 67 -21.94 1.85 0.69
CA LEU A 67 -21.54 2.00 -0.71
C LEU A 67 -20.25 1.29 -1.02
N ARG A 68 -20.22 0.58 -2.16
CA ARG A 68 -18.99 -0.06 -2.62
C ARG A 68 -18.66 0.44 -4.03
N TYR A 69 -17.36 0.63 -4.29
CA TYR A 69 -16.84 1.03 -5.58
C TYR A 69 -16.14 -0.14 -6.22
N PRO A 70 -16.77 -0.75 -7.25
CA PRO A 70 -16.35 -1.99 -7.92
C PRO A 70 -15.10 -1.84 -8.78
N ILE A 71 -14.77 -0.61 -9.12
CA ILE A 71 -13.52 -0.34 -9.82
C ILE A 71 -12.58 0.47 -8.93
N GLU A 72 -11.46 -0.12 -8.52
CA GLU A 72 -10.51 0.63 -7.73
C GLU A 72 -9.18 0.70 -8.50
N HIS A 73 -8.66 1.91 -8.59
CA HIS A 73 -7.48 2.21 -9.39
C HIS A 73 -7.69 1.88 -10.87
N GLY A 74 -8.93 1.93 -11.33
CA GLY A 74 -9.18 1.68 -12.74
C GLY A 74 -9.24 0.22 -13.19
N ILE A 75 -9.02 -0.71 -12.25
CA ILE A 75 -9.18 -2.14 -12.50
C ILE A 75 -10.48 -2.66 -11.81
N VAL A 76 -11.27 -3.50 -12.46
CA VAL A 76 -12.51 -4.04 -11.88
C VAL A 76 -12.19 -5.04 -10.79
N THR A 77 -12.86 -4.92 -9.63
CA THR A 77 -12.58 -5.82 -8.51
C THR A 77 -13.81 -6.58 -8.06
N ASN A 78 -14.96 -6.23 -8.63
CA ASN A 78 -16.18 -6.93 -8.30
C ASN A 78 -17.16 -6.97 -9.47
N TRP A 79 -17.29 -8.14 -10.07
CA TRP A 79 -18.03 -8.29 -11.32
C TRP A 79 -19.55 -8.33 -11.11
N ASP A 80 -19.98 -8.72 -9.90
CA ASP A 80 -21.40 -8.66 -9.56
C ASP A 80 -21.81 -7.18 -9.56
N ASP A 81 -21.03 -6.36 -8.85
CA ASP A 81 -21.28 -4.93 -8.78
C ASP A 81 -21.10 -4.22 -10.12
N MET A 82 -20.06 -4.65 -10.86
CA MET A 82 -19.75 -4.10 -12.20
C MET A 82 -20.91 -4.37 -13.15
N GLU A 83 -21.50 -5.56 -13.04
CA GLU A 83 -22.61 -5.88 -13.89
C GLU A 83 -23.79 -4.94 -13.65
N LYS A 84 -24.05 -4.58 -12.38
CA LYS A 84 -25.21 -3.74 -12.03
C LYS A 84 -25.12 -2.35 -12.63
N ILE A 85 -23.90 -1.80 -12.64
CA ILE A 85 -23.62 -0.48 -13.21
C ILE A 85 -23.90 -0.49 -14.71
N TRP A 86 -23.48 -1.55 -15.39
CA TRP A 86 -23.77 -1.65 -16.79
C TRP A 86 -25.26 -1.79 -16.96
N HIS A 87 -25.90 -2.59 -16.10
CA HIS A 87 -27.34 -2.70 -16.16
C HIS A 87 -27.98 -1.33 -15.98
N HIS A 88 -27.54 -0.60 -14.96
CA HIS A 88 -27.97 0.79 -14.76
C HIS A 88 -27.72 1.69 -15.98
N THR A 89 -26.60 1.49 -16.67
CA THR A 89 -26.29 2.33 -17.83
C THR A 89 -27.30 2.08 -18.95
N PHE A 90 -27.48 0.82 -19.29
CA PHE A 90 -28.36 0.42 -20.38
C PHE A 90 -29.81 0.79 -20.11
N TYR A 91 -30.35 0.27 -19.01
CA TYR A 91 -31.78 0.30 -18.77
C TYR A 91 -32.26 1.54 -18.02
N ASN A 92 -31.43 2.07 -17.11
CA ASN A 92 -31.86 3.21 -16.26
C ASN A 92 -31.43 4.55 -16.85
N GLU A 93 -30.19 4.63 -17.34
CA GLU A 93 -29.66 5.91 -17.80
C GLU A 93 -29.81 6.14 -19.29
N LEU A 94 -29.32 5.23 -20.13
CA LEU A 94 -29.44 5.46 -21.57
C LEU A 94 -30.84 5.00 -22.06
N ARG A 95 -31.42 4.00 -21.40
CA ARG A 95 -32.81 3.57 -21.66
C ARG A 95 -33.00 3.01 -23.05
N LEU A 96 -32.31 1.90 -23.27
CA LEU A 96 -32.30 1.20 -24.54
C LEU A 96 -32.10 -0.28 -24.29
N ALA A 97 -32.32 -1.09 -25.33
CA ALA A 97 -32.07 -2.52 -25.31
C ALA A 97 -30.63 -2.77 -25.72
N PRO A 98 -29.83 -3.25 -24.77
CA PRO A 98 -28.40 -3.48 -24.99
C PRO A 98 -28.12 -4.48 -26.13
N GLU A 99 -29.09 -5.32 -26.46
CA GLU A 99 -28.92 -6.28 -27.57
C GLU A 99 -29.04 -5.63 -28.96
N GLU A 100 -29.43 -4.36 -29.01
CA GLU A 100 -29.63 -3.61 -30.26
C GLU A 100 -28.57 -2.59 -30.55
N HIS A 101 -27.45 -2.67 -29.84
CA HIS A 101 -26.46 -1.62 -29.89
C HIS A 101 -25.10 -2.23 -29.68
N PRO A 102 -24.20 -2.03 -30.63
CA PRO A 102 -22.82 -2.44 -30.36
C PRO A 102 -22.26 -1.60 -29.22
N VAL A 103 -21.38 -2.17 -28.41
CA VAL A 103 -20.79 -1.44 -27.28
C VAL A 103 -19.27 -1.33 -27.40
N LEU A 104 -18.74 -0.12 -27.23
CA LEU A 104 -17.29 0.10 -27.13
C LEU A 104 -16.93 0.51 -25.70
N LEU A 105 -16.10 -0.30 -25.05
CA LEU A 105 -15.72 -0.11 -23.65
C LEU A 105 -14.30 0.38 -23.58
N THR A 106 -13.89 0.87 -22.42
CA THR A 106 -12.52 1.28 -22.24
C THR A 106 -11.93 0.46 -21.11
N GLU A 107 -10.60 0.36 -21.07
CA GLU A 107 -9.97 -0.37 -20.00
C GLU A 107 -8.71 0.33 -19.60
N ALA A 108 -8.27 0.10 -18.37
CA ALA A 108 -7.01 0.68 -17.92
C ALA A 108 -5.86 0.01 -18.68
N PRO A 109 -4.74 0.73 -18.84
CA PRO A 109 -3.59 0.00 -19.37
C PRO A 109 -3.14 -1.12 -18.42
N MET A 110 -2.52 -2.14 -19.01
CA MET A 110 -2.03 -3.29 -18.25
C MET A 110 -3.20 -4.00 -17.56
N ASN A 111 -4.42 -3.81 -18.06
CA ASN A 111 -5.57 -4.60 -17.59
C ASN A 111 -5.30 -6.06 -17.80
N PRO A 112 -5.33 -6.86 -16.71
CA PRO A 112 -5.14 -8.32 -16.73
C PRO A 112 -6.12 -9.05 -17.68
N LYS A 113 -5.63 -10.03 -18.47
CA LYS A 113 -6.45 -10.71 -19.50
C LYS A 113 -7.66 -11.42 -18.92
N SER A 114 -7.53 -11.91 -17.69
CA SER A 114 -8.67 -12.43 -16.97
C SER A 114 -9.81 -11.39 -16.93
N ASN A 115 -9.48 -10.11 -16.68
CA ASN A 115 -10.54 -9.10 -16.61
C ASN A 115 -11.09 -8.80 -17.99
N ARG A 116 -10.21 -8.61 -18.97
CA ARG A 116 -10.63 -8.35 -20.37
C ARG A 116 -11.48 -9.46 -20.95
N GLU A 117 -11.27 -10.68 -20.46
CA GLU A 117 -12.11 -11.82 -20.81
C GLU A 117 -13.47 -11.78 -20.09
N LYS A 118 -13.44 -11.45 -18.80
CA LYS A 118 -14.68 -11.45 -18.03
C LYS A 118 -15.61 -10.37 -18.58
N MET A 119 -15.01 -9.21 -18.88
CA MET A 119 -15.73 -8.09 -19.50
C MET A 119 -16.48 -8.53 -20.77
N THR A 120 -15.76 -9.28 -21.62
CA THR A 120 -16.34 -9.79 -22.88
C THR A 120 -17.51 -10.72 -22.60
N GLN A 121 -17.28 -11.65 -21.67
CA GLN A 121 -18.28 -12.64 -21.29
C GLN A 121 -19.60 -12.04 -20.91
N ILE A 122 -19.53 -11.06 -20.01
CA ILE A 122 -20.73 -10.42 -19.50
C ILE A 122 -21.44 -9.63 -20.60
N MET A 123 -20.66 -8.87 -21.38
CA MET A 123 -21.26 -8.13 -22.50
C MET A 123 -22.01 -9.05 -23.46
N PHE A 124 -21.35 -10.10 -23.93
CA PHE A 124 -21.99 -11.04 -24.86
C PHE A 124 -23.04 -11.95 -24.21
N GLU A 125 -22.68 -12.59 -23.10
CA GLU A 125 -23.59 -13.58 -22.49
C GLU A 125 -24.73 -12.96 -21.66
N THR A 126 -24.43 -11.90 -20.88
CA THR A 126 -25.45 -11.31 -20.00
C THR A 126 -26.33 -10.33 -20.74
N PHE A 127 -25.72 -9.39 -21.44
CA PHE A 127 -26.54 -8.35 -22.08
C PHE A 127 -26.84 -8.60 -23.56
N ASN A 128 -26.27 -9.66 -24.13
CA ASN A 128 -26.46 -9.98 -25.56
C ASN A 128 -26.12 -8.89 -26.55
N VAL A 129 -24.98 -8.22 -26.38
CA VAL A 129 -24.59 -7.18 -27.33
C VAL A 129 -24.27 -7.76 -28.70
N PRO A 130 -24.71 -7.07 -29.77
CA PRO A 130 -24.52 -7.48 -31.17
C PRO A 130 -23.06 -7.43 -31.59
N ALA A 131 -22.36 -6.43 -31.04
CA ALA A 131 -20.96 -6.25 -31.30
C ALA A 131 -20.31 -5.65 -30.08
N PHE A 132 -19.00 -5.82 -29.99
CA PHE A 132 -18.26 -5.40 -28.82
C PHE A 132 -16.84 -5.08 -29.21
N TYR A 133 -16.20 -4.16 -28.47
CA TYR A 133 -14.80 -3.79 -28.64
C TYR A 133 -14.28 -3.05 -27.42
N VAL A 134 -13.01 -3.25 -27.05
CA VAL A 134 -12.44 -2.59 -25.87
C VAL A 134 -11.09 -1.92 -26.18
N SER A 135 -10.92 -0.67 -25.71
CA SER A 135 -9.78 0.17 -26.08
C SER A 135 -9.03 0.69 -24.83
N ILE A 136 -7.75 0.99 -25.00
CA ILE A 136 -7.00 1.54 -23.89
C ILE A 136 -7.32 3.04 -23.77
N GLN A 137 -7.66 3.49 -22.57
CA GLN A 137 -8.18 4.84 -22.35
C GLN A 137 -7.28 5.94 -22.85
N ALA A 138 -6.02 5.92 -22.45
CA ALA A 138 -5.09 6.96 -22.86
C ALA A 138 -5.07 7.09 -24.37
N VAL A 139 -5.11 5.95 -25.06
CA VAL A 139 -5.10 5.93 -26.52
C VAL A 139 -6.25 6.75 -27.11
N LEU A 140 -7.44 6.57 -26.57
CA LEU A 140 -8.59 7.34 -27.03
C LEU A 140 -8.38 8.85 -26.84
N SER A 141 -7.85 9.26 -25.69
CA SER A 141 -7.49 10.66 -25.44
C SER A 141 -6.51 11.21 -26.48
N LEU A 142 -5.56 10.39 -26.89
CA LEU A 142 -4.68 10.79 -27.97
C LEU A 142 -5.51 10.98 -29.23
N TYR A 143 -6.42 10.05 -29.51
CA TYR A 143 -7.20 10.13 -30.75
C TYR A 143 -8.07 11.37 -30.70
N ALA A 144 -8.77 11.57 -29.59
CA ALA A 144 -9.59 12.74 -29.37
C ALA A 144 -8.88 14.05 -29.69
N SER A 145 -7.58 14.08 -29.45
CA SER A 145 -6.79 15.28 -29.67
C SER A 145 -6.25 15.34 -31.09
N GLY A 146 -6.70 14.41 -31.91
CA GLY A 146 -6.34 14.31 -33.32
C GLY A 146 -4.92 13.88 -33.61
N ARG A 147 -4.39 12.96 -32.80
CA ARG A 147 -3.00 12.49 -32.93
C ARG A 147 -2.93 10.98 -32.88
N THR A 148 -1.81 10.42 -33.34
CA THR A 148 -1.55 8.99 -33.17
C THR A 148 -0.23 8.75 -32.48
N THR A 149 0.55 9.81 -32.37
CA THR A 149 1.77 9.82 -31.56
C THR A 149 1.74 10.97 -30.57
N GLY A 150 1.98 10.65 -29.29
CA GLY A 150 2.02 11.62 -28.20
C GLY A 150 2.29 10.92 -26.87
N ILE A 151 2.45 11.69 -25.81
CA ILE A 151 2.45 11.13 -24.47
C ILE A 151 1.24 11.68 -23.66
N VAL A 152 0.49 10.77 -23.07
CA VAL A 152 -0.74 11.18 -22.43
C VAL A 152 -0.60 11.08 -20.93
N LEU A 153 -1.01 12.13 -20.25
CA LEU A 153 -1.11 12.12 -18.79
C LEU A 153 -2.59 12.04 -18.39
N ASP A 154 -2.97 10.88 -17.85
CA ASP A 154 -4.38 10.54 -17.61
C ASP A 154 -4.56 10.38 -16.13
N SER A 155 -5.12 11.43 -15.53
CA SER A 155 -5.29 11.38 -14.10
C SER A 155 -6.74 11.47 -13.74
N GLY A 156 -7.25 10.42 -13.10
CA GLY A 156 -8.65 10.36 -12.71
C GLY A 156 -8.84 10.43 -11.21
N ASP A 157 -9.93 9.87 -10.72
CA ASP A 157 -10.19 9.69 -9.29
C ASP A 157 -9.31 8.69 -8.54
N GLY A 158 -9.03 7.55 -9.15
CA GLY A 158 -8.34 6.50 -8.41
C GLY A 158 -6.94 6.16 -8.89
N VAL A 159 -6.60 6.61 -10.10
CA VAL A 159 -5.29 6.28 -10.65
C VAL A 159 -4.80 7.30 -11.66
N THR A 160 -3.50 7.48 -11.72
CA THR A 160 -2.87 8.37 -12.69
C THR A 160 -1.90 7.57 -13.58
N HIS A 161 -1.98 7.77 -14.90
CA HIS A 161 -1.16 7.02 -15.84
C HIS A 161 -0.31 7.96 -16.69
N VAL A 162 0.90 7.55 -17.03
CA VAL A 162 1.62 8.23 -18.08
C VAL A 162 1.84 7.22 -19.20
N VAL A 163 1.30 7.50 -20.38
CA VAL A 163 1.33 6.51 -21.46
C VAL A 163 1.86 7.14 -22.72
N PRO A 164 3.15 6.88 -23.05
CA PRO A 164 3.66 7.35 -24.34
C PRO A 164 3.21 6.42 -25.48
N ILE A 165 2.79 7.03 -26.60
CA ILE A 165 2.19 6.30 -27.73
C ILE A 165 2.78 6.75 -29.09
N TYR A 166 3.18 5.77 -29.93
CA TYR A 166 3.81 6.07 -31.22
C TYR A 166 3.13 5.34 -32.38
N ALA A 167 2.67 6.09 -33.38
CA ALA A 167 1.84 5.55 -34.46
C ALA A 167 0.72 4.66 -33.90
N GLY A 168 -0.08 5.20 -32.97
CA GLY A 168 -1.26 4.47 -32.54
C GLY A 168 -1.02 3.28 -31.61
N PHE A 169 0.25 2.96 -31.36
CA PHE A 169 0.56 1.88 -30.40
C PHE A 169 1.25 2.36 -29.13
N SER A 170 0.75 1.89 -27.99
CA SER A 170 1.42 2.16 -26.73
C SER A 170 2.77 1.41 -26.65
N LEU A 171 3.75 2.09 -26.10
CA LEU A 171 5.05 1.52 -25.82
C LEU A 171 4.96 1.05 -24.37
N PRO A 172 4.71 -0.25 -24.18
CA PRO A 172 4.32 -0.81 -22.87
C PRO A 172 5.45 -0.75 -21.85
N HIS A 173 6.67 -0.76 -22.31
CA HIS A 173 7.80 -0.72 -21.40
C HIS A 173 7.89 0.63 -20.67
N ALA A 174 7.25 1.66 -21.23
CA ALA A 174 7.39 3.04 -20.73
C ALA A 174 6.10 3.62 -20.16
N ILE A 175 5.06 2.78 -20.10
CA ILE A 175 3.83 3.14 -19.38
C ILE A 175 4.06 3.17 -17.89
N LEU A 176 3.78 4.31 -17.28
CA LEU A 176 3.98 4.50 -15.85
C LEU A 176 2.64 4.71 -15.14
N ARG A 177 2.56 4.23 -13.92
CA ARG A 177 1.36 4.37 -13.14
C ARG A 177 1.67 4.81 -11.71
N ILE A 178 1.08 5.91 -11.28
CA ILE A 178 1.09 6.22 -9.86
C ILE A 178 -0.32 6.09 -9.27
N ASP A 179 -0.39 5.55 -8.06
CA ASP A 179 -1.63 5.44 -7.33
C ASP A 179 -1.91 6.75 -6.57
N LEU A 180 -1.66 7.88 -7.24
CA LEU A 180 -1.89 9.23 -6.72
C LEU A 180 -2.88 9.99 -7.60
N ALA A 181 -4.13 10.13 -7.14
CA ALA A 181 -5.12 10.83 -7.97
C ALA A 181 -6.20 11.60 -7.16
N GLY A 182 -7.35 11.84 -7.77
CA GLY A 182 -8.37 12.73 -7.22
C GLY A 182 -8.85 12.29 -5.85
N ARG A 183 -8.83 10.99 -5.62
CA ARG A 183 -9.22 10.43 -4.32
C ARG A 183 -8.33 10.96 -3.25
N ASP A 184 -7.04 10.83 -3.50
CA ASP A 184 -5.99 11.29 -2.63
C ASP A 184 -6.07 12.78 -2.38
N LEU A 185 -6.24 13.57 -3.44
CA LEU A 185 -6.37 15.02 -3.28
C LEU A 185 -7.58 15.38 -2.46
N THR A 186 -8.67 14.63 -2.62
CA THR A 186 -9.86 14.89 -1.81
C THR A 186 -9.56 14.62 -0.33
N ASP A 187 -9.07 13.42 -0.03
CA ASP A 187 -8.72 13.04 1.33
C ASP A 187 -7.72 14.01 1.91
N TYR A 188 -6.85 14.55 1.08
CA TYR A 188 -5.83 15.46 1.56
C TYR A 188 -6.43 16.81 1.92
N LEU A 189 -7.26 17.31 1.02
CA LEU A 189 -7.94 18.56 1.25
C LEU A 189 -8.79 18.49 2.53
N MET A 190 -9.46 17.36 2.73
CA MET A 190 -10.27 17.08 3.91
C MET A 190 -9.41 17.03 5.15
N LYS A 191 -8.16 16.61 4.97
CA LYS A 191 -7.24 16.47 6.08
C LYS A 191 -6.67 17.83 6.51
N ILE A 192 -6.40 18.71 5.55
CA ILE A 192 -5.88 20.03 5.93
C ILE A 192 -7.02 20.97 6.30
N LEU A 193 -8.26 20.61 5.95
CA LEU A 193 -9.45 21.33 6.39
C LEU A 193 -9.87 20.91 7.80
N SER A 194 -9.63 19.64 8.17
CA SER A 194 -9.86 19.17 9.54
C SER A 194 -8.90 19.83 10.52
N GLU A 195 -7.64 19.95 10.12
CA GLU A 195 -6.62 20.62 10.91
C GLU A 195 -7.02 22.04 11.25
N ARG A 196 -7.73 22.69 10.33
CA ARG A 196 -8.13 24.07 10.52
C ARG A 196 -9.37 24.18 11.43
N GLY A 197 -9.99 23.05 11.77
CA GLY A 197 -11.10 23.05 12.72
C GLY A 197 -12.50 22.69 12.20
N TYR A 198 -12.58 22.35 10.92
CA TYR A 198 -13.86 21.94 10.32
C TYR A 198 -14.12 20.49 10.64
N THR A 199 -15.36 20.18 11.00
CA THR A 199 -15.68 18.82 11.42
C THR A 199 -16.17 18.02 10.22
N PHE A 200 -15.26 17.65 9.32
CA PHE A 200 -15.59 16.79 8.17
C PHE A 200 -15.19 15.34 8.48
N SER A 201 -16.13 14.57 9.01
CA SER A 201 -15.76 13.25 9.53
C SER A 201 -16.42 12.04 8.86
N THR A 202 -17.39 12.28 7.98
CA THR A 202 -18.16 11.18 7.40
C THR A 202 -17.87 11.04 5.91
N SER A 203 -18.34 9.93 5.31
CA SER A 203 -18.14 9.71 3.88
C SER A 203 -18.98 10.70 3.08
N ALA A 204 -20.10 11.13 3.66
CA ALA A 204 -20.97 12.10 3.00
C ALA A 204 -20.34 13.48 2.97
N GLU A 205 -19.69 13.85 4.06
CA GLU A 205 -19.02 15.14 4.13
C GLU A 205 -17.84 15.13 3.16
N ARG A 206 -17.20 13.97 3.03
CA ARG A 206 -16.11 13.80 2.06
C ARG A 206 -16.49 14.22 0.62
N GLU A 207 -17.77 14.07 0.27
CA GLU A 207 -18.23 14.49 -1.05
C GLU A 207 -18.33 16.02 -1.17
N ILE A 208 -18.54 16.67 -0.04
CA ILE A 208 -18.61 18.13 -0.02
C ILE A 208 -17.21 18.64 -0.26
N VAL A 209 -16.24 17.98 0.34
CA VAL A 209 -14.84 18.37 0.20
C VAL A 209 -14.37 18.13 -1.24
N ARG A 210 -14.82 17.05 -1.88
CA ARG A 210 -14.59 16.82 -3.31
C ARG A 210 -15.09 18.02 -4.12
N ASP A 211 -16.32 18.45 -3.85
CA ASP A 211 -16.90 19.58 -4.56
C ASP A 211 -16.07 20.85 -4.36
N ILE A 212 -15.58 21.05 -3.13
CA ILE A 212 -14.80 22.23 -2.76
C ILE A 212 -13.53 22.20 -3.55
N LYS A 213 -12.89 21.04 -3.59
CA LYS A 213 -11.72 20.80 -4.41
C LYS A 213 -11.95 21.21 -5.87
N GLU A 214 -13.00 20.67 -6.47
CA GLU A 214 -13.31 20.93 -7.89
C GLU A 214 -13.60 22.40 -8.20
N LYS A 215 -14.06 23.14 -7.21
CA LYS A 215 -14.56 24.49 -7.45
C LYS A 215 -13.54 25.59 -7.11
N LEU A 216 -12.73 25.36 -6.07
CA LEU A 216 -11.94 26.41 -5.46
C LEU A 216 -10.45 26.15 -5.54
N CYS A 217 -10.08 24.89 -5.70
CA CYS A 217 -8.67 24.53 -5.75
C CYS A 217 -8.04 24.88 -7.08
N TYR A 218 -6.72 24.98 -7.06
CA TYR A 218 -5.96 25.33 -8.22
C TYR A 218 -4.49 25.00 -7.98
N VAL A 219 -3.68 25.01 -9.01
CA VAL A 219 -2.25 24.70 -8.89
C VAL A 219 -1.43 25.97 -9.02
N ALA A 220 -0.55 26.19 -8.04
CA ALA A 220 0.28 27.39 -8.06
C ALA A 220 1.47 27.24 -9.03
N LEU A 221 1.69 28.26 -9.84
CA LEU A 221 2.84 28.30 -10.74
C LEU A 221 4.14 28.14 -9.95
N ASP A 222 4.31 29.01 -8.97
CA ASP A 222 5.40 28.96 -8.00
C ASP A 222 4.85 28.81 -6.57
N PHE A 223 5.04 27.63 -6.00
CA PHE A 223 4.40 27.27 -4.74
C PHE A 223 4.89 28.06 -3.53
N ASP A 224 6.21 28.17 -3.38
CA ASP A 224 6.79 28.88 -2.23
C ASP A 224 6.55 30.39 -2.30
N GLN A 225 6.65 30.98 -3.49
CA GLN A 225 6.31 32.41 -3.63
C GLN A 225 4.85 32.66 -3.26
N GLU A 226 3.95 31.84 -3.80
CA GLU A 226 2.53 32.02 -3.57
C GLU A 226 2.15 31.76 -2.11
N LEU A 227 2.85 30.80 -1.50
CA LEU A 227 2.60 30.43 -0.11
C LEU A 227 2.97 31.61 0.81
N GLN A 228 4.11 32.24 0.53
CA GLN A 228 4.57 33.42 1.28
C GLN A 228 3.63 34.63 1.16
N THR A 229 2.97 34.72 0.01
CA THR A 229 2.05 35.80 -0.31
C THR A 229 0.66 35.58 0.32
N SER A 230 0.31 34.32 0.43
CA SER A 230 -0.97 33.94 1.01
C SER A 230 -1.14 34.39 2.47
N SER A 231 -0.03 34.36 3.22
CA SER A 231 -0.06 34.64 4.66
C SER A 231 -0.61 36.02 5.01
N GLN A 232 -0.33 37.01 4.17
CA GLN A 232 -0.90 38.35 4.36
C GLN A 232 -1.47 38.86 3.03
N SER A 233 -2.50 38.17 2.55
CA SER A 233 -3.36 38.65 1.47
C SER A 233 -4.77 38.20 1.74
N SER A 234 -5.76 38.95 1.25
CA SER A 234 -7.17 38.54 1.32
C SER A 234 -7.68 38.12 -0.06
N SER A 235 -6.84 38.22 -1.09
CA SER A 235 -7.27 37.79 -2.40
C SER A 235 -7.41 36.27 -2.39
N ILE A 236 -6.51 35.58 -1.69
CA ILE A 236 -6.48 34.11 -1.66
C ILE A 236 -7.77 33.49 -1.09
N GLU A 237 -8.49 34.21 -0.25
CA GLU A 237 -9.65 33.66 0.43
C GLU A 237 -10.93 33.56 -0.43
N LYS A 238 -11.60 32.41 -0.36
CA LYS A 238 -12.84 32.18 -1.09
C LYS A 238 -13.89 31.55 -0.18
N SER A 239 -15.17 31.87 -0.40
CA SER A 239 -16.25 31.33 0.42
C SER A 239 -17.00 30.17 -0.25
N TYR A 240 -17.48 29.25 0.56
CA TYR A 240 -18.17 28.09 0.05
C TYR A 240 -19.38 27.83 0.92
N GLU A 241 -20.55 27.61 0.32
CA GLU A 241 -21.72 27.34 1.15
C GLU A 241 -21.95 25.82 1.36
N LEU A 242 -22.00 25.41 2.63
CA LEU A 242 -22.23 24.03 3.03
C LEU A 242 -23.70 23.66 2.85
N PRO A 243 -24.05 22.36 2.98
CA PRO A 243 -25.48 22.03 2.78
C PRO A 243 -26.42 22.64 3.84
N ASP A 244 -26.02 22.64 5.11
CA ASP A 244 -26.84 23.21 6.18
C ASP A 244 -27.02 24.74 6.09
N GLY A 245 -26.18 25.40 5.29
CA GLY A 245 -26.27 26.85 5.14
C GLY A 245 -25.12 27.64 5.78
N GLN A 246 -24.22 26.96 6.47
CA GLN A 246 -23.02 27.64 7.03
C GLN A 246 -22.02 27.90 5.90
N VAL A 247 -21.51 29.14 5.86
CA VAL A 247 -20.50 29.52 4.88
C VAL A 247 -19.11 29.40 5.48
N ILE A 248 -18.25 28.61 4.84
CA ILE A 248 -16.88 28.53 5.28
C ILE A 248 -15.95 29.19 4.28
N THR A 249 -14.76 29.54 4.73
CA THR A 249 -13.78 30.26 3.91
C THR A 249 -12.50 29.47 3.73
N ILE A 250 -12.08 29.34 2.47
CA ILE A 250 -10.99 28.46 2.06
C ILE A 250 -9.83 29.37 1.67
N GLY A 251 -8.67 29.17 2.29
CA GLY A 251 -7.52 30.01 1.99
C GLY A 251 -6.47 29.37 1.10
N ASN A 252 -5.26 29.20 1.62
CA ASN A 252 -4.20 28.57 0.83
C ASN A 252 -4.35 27.07 0.73
N GLU A 253 -5.38 26.50 1.37
CA GLU A 253 -5.70 25.09 1.14
C GLU A 253 -5.99 24.91 -0.34
N ARG A 254 -6.47 25.98 -0.96
CA ARG A 254 -6.80 25.98 -2.37
C ARG A 254 -5.65 25.49 -3.23
N PHE A 255 -4.43 25.98 -3.01
CA PHE A 255 -3.33 25.46 -3.83
C PHE A 255 -2.44 24.45 -3.09
N ARG A 256 -2.62 24.32 -1.78
CA ARG A 256 -1.89 23.32 -1.00
C ARG A 256 -2.30 21.90 -1.31
N ALA A 257 -3.59 21.66 -1.49
CA ALA A 257 -4.05 20.30 -1.76
C ALA A 257 -3.54 19.77 -3.11
N PRO A 258 -3.69 20.55 -4.21
CA PRO A 258 -3.17 20.05 -5.50
C PRO A 258 -1.65 19.93 -5.56
N GLU A 259 -0.93 20.61 -4.69
CA GLU A 259 0.53 20.52 -4.70
C GLU A 259 1.00 19.09 -4.46
N ALA A 260 0.15 18.29 -3.85
CA ALA A 260 0.43 16.88 -3.65
C ALA A 260 0.53 16.08 -4.96
N LEU A 261 0.23 16.70 -6.11
CA LEU A 261 0.42 16.00 -7.39
C LEU A 261 1.89 16.08 -7.77
N PHE A 262 2.53 17.15 -7.33
CA PHE A 262 3.89 17.46 -7.73
C PHE A 262 4.91 17.12 -6.64
N HIS A 263 4.47 17.05 -5.38
CA HIS A 263 5.33 16.64 -4.29
C HIS A 263 4.55 15.70 -3.38
N PRO A 264 4.40 14.44 -3.81
CA PRO A 264 3.56 13.43 -3.16
C PRO A 264 4.04 13.04 -1.76
N SER A 265 5.20 13.57 -1.36
CA SER A 265 5.75 13.30 -0.04
C SER A 265 4.86 13.90 1.05
N VAL A 266 4.22 15.03 0.76
CA VAL A 266 3.25 15.61 1.69
C VAL A 266 2.08 14.66 1.97
N LEU A 267 1.94 13.61 1.18
CA LEU A 267 0.92 12.58 1.44
C LEU A 267 1.54 11.32 2.06
N GLY A 268 2.86 11.36 2.29
CA GLY A 268 3.57 10.21 2.83
C GLY A 268 3.84 9.15 1.78
N LEU A 269 3.53 9.47 0.54
CA LEU A 269 3.82 8.59 -0.56
C LEU A 269 5.22 8.93 -1.04
N GLU A 270 6.01 7.89 -1.27
CA GLU A 270 7.33 8.08 -1.88
C GLU A 270 7.15 7.80 -3.34
N ALA A 271 6.26 8.56 -3.95
CA ALA A 271 6.07 8.53 -5.40
C ALA A 271 6.73 9.77 -5.96
N SER A 272 7.00 9.78 -7.26
CA SER A 272 7.47 11.01 -7.88
C SER A 272 6.24 11.77 -8.37
N GLY A 273 6.34 13.09 -8.44
CA GLY A 273 5.23 13.91 -8.87
C GLY A 273 4.80 13.64 -10.32
N ILE A 274 3.74 14.30 -10.76
CA ILE A 274 3.27 14.03 -12.10
C ILE A 274 4.22 14.68 -13.12
N ASP A 275 4.96 15.70 -12.70
CA ASP A 275 5.95 16.33 -13.57
C ASP A 275 7.17 15.42 -13.79
N GLN A 276 7.70 14.85 -12.71
CA GLN A 276 8.84 13.96 -12.80
C GLN A 276 8.51 12.61 -13.42
N THR A 277 7.32 12.09 -13.17
CA THR A 277 6.86 10.83 -13.76
C THR A 277 6.65 10.95 -15.29
N THR A 278 6.25 12.13 -15.76
CA THR A 278 6.12 12.34 -17.19
C THR A 278 7.51 12.33 -17.82
N TYR A 279 8.46 13.01 -17.19
CA TYR A 279 9.85 13.01 -17.65
C TYR A 279 10.43 11.60 -17.61
N ASN A 280 10.25 10.93 -16.48
CA ASN A 280 10.80 9.60 -16.32
C ASN A 280 10.26 8.67 -17.37
N SER A 281 9.08 8.99 -17.88
CA SER A 281 8.43 8.12 -18.87
C SER A 281 9.09 8.27 -20.23
N ILE A 282 9.12 9.51 -20.70
CA ILE A 282 9.80 9.88 -21.94
C ILE A 282 11.24 9.34 -22.02
N MET A 283 11.96 9.44 -20.90
CA MET A 283 13.36 9.00 -20.82
C MET A 283 13.46 7.48 -20.91
N LYS A 284 12.32 6.78 -20.81
CA LYS A 284 12.29 5.33 -21.02
C LYS A 284 12.06 5.03 -22.50
N CYS A 285 11.97 6.09 -23.30
CA CYS A 285 11.80 5.99 -24.75
C CYS A 285 13.10 6.24 -25.54
N ASP A 286 13.13 5.77 -26.79
CA ASP A 286 14.26 6.00 -27.69
C ASP A 286 14.51 7.49 -27.95
N VAL A 287 15.78 7.89 -28.00
CA VAL A 287 16.14 9.32 -28.10
C VAL A 287 15.46 10.02 -29.30
N ASP A 288 15.40 9.31 -30.43
CA ASP A 288 14.81 9.83 -31.67
C ASP A 288 13.36 10.21 -31.55
N VAL A 289 12.69 9.55 -30.61
CA VAL A 289 11.22 9.57 -30.44
C VAL A 289 10.80 10.67 -29.48
N ARG A 290 11.68 10.91 -28.50
CA ARG A 290 11.42 11.83 -27.40
C ARG A 290 10.95 13.19 -27.86
N LYS A 291 11.61 13.70 -28.91
CA LYS A 291 11.32 15.04 -29.43
C LYS A 291 9.89 15.12 -29.89
N GLU A 292 9.39 14.02 -30.43
CA GLU A 292 7.99 13.96 -30.77
C GLU A 292 7.09 13.98 -29.52
N LEU A 293 7.39 13.09 -28.55
CA LEU A 293 6.61 13.04 -27.30
C LEU A 293 6.53 14.41 -26.62
N TYR A 294 7.66 15.05 -26.38
CA TYR A 294 7.70 16.38 -25.75
C TYR A 294 6.82 17.48 -26.35
N SER A 295 6.63 17.44 -27.66
CA SER A 295 5.84 18.48 -28.30
C SER A 295 4.42 17.97 -28.54
N ASN A 296 4.13 16.79 -28.01
CA ASN A 296 2.79 16.21 -28.04
C ASN A 296 2.39 15.56 -26.73
N ILE A 297 2.40 16.36 -25.68
CA ILE A 297 1.93 15.96 -24.37
C ILE A 297 0.45 16.26 -24.26
N VAL A 298 -0.34 15.25 -23.94
CA VAL A 298 -1.76 15.47 -23.79
C VAL A 298 -2.21 15.17 -22.38
N MET A 299 -2.93 16.09 -21.78
CA MET A 299 -3.47 15.87 -20.45
C MET A 299 -4.96 15.55 -20.53
N SER A 300 -5.38 14.42 -19.95
CA SER A 300 -6.79 14.11 -19.86
C SER A 300 -7.15 13.62 -18.47
N GLY A 301 -8.45 13.61 -18.19
CA GLY A 301 -8.95 13.13 -16.92
C GLY A 301 -9.29 14.30 -16.02
N GLY A 302 -10.11 14.03 -15.03
CA GLY A 302 -10.71 15.10 -14.28
C GLY A 302 -9.71 15.79 -13.38
N THR A 303 -8.75 15.04 -12.89
CA THR A 303 -7.76 15.62 -12.01
C THR A 303 -6.90 16.66 -12.73
N THR A 304 -6.81 16.56 -14.06
CA THR A 304 -6.03 17.53 -14.85
C THR A 304 -6.82 18.82 -15.18
N MET A 305 -7.94 19.03 -14.48
CA MET A 305 -8.83 20.17 -14.70
C MET A 305 -8.50 21.36 -13.84
N PHE A 306 -7.59 21.20 -12.87
CA PHE A 306 -7.26 22.29 -11.94
C PHE A 306 -6.81 23.49 -12.75
N PRO A 307 -7.30 24.67 -12.39
CA PRO A 307 -6.76 25.86 -13.04
C PRO A 307 -5.26 25.91 -12.82
N GLY A 308 -4.47 26.26 -13.82
CA GLY A 308 -3.03 26.41 -13.60
C GLY A 308 -2.18 25.17 -13.73
N ILE A 309 -2.77 24.00 -13.90
CA ILE A 309 -1.97 22.79 -13.89
C ILE A 309 -1.16 22.63 -15.17
N ALA A 310 -1.66 23.19 -16.27
CA ALA A 310 -0.97 23.01 -17.55
C ALA A 310 0.25 23.92 -17.62
N GLU A 311 0.10 25.13 -17.09
CA GLU A 311 1.17 26.11 -17.12
C GLU A 311 2.32 25.66 -16.20
N ARG A 312 1.95 24.96 -15.14
CA ARG A 312 2.89 24.44 -14.14
C ARG A 312 3.59 23.21 -14.70
N MET A 313 2.83 22.32 -15.32
CA MET A 313 3.37 21.23 -16.11
C MET A 313 4.36 21.71 -17.18
N GLN A 314 4.00 22.79 -17.88
CA GLN A 314 4.84 23.39 -18.91
C GLN A 314 6.18 23.85 -18.37
N LYS A 315 6.11 24.63 -17.30
CA LYS A 315 7.27 25.15 -16.55
C LYS A 315 8.17 24.06 -15.96
N GLU A 316 7.58 23.11 -15.26
CA GLU A 316 8.37 22.03 -14.65
C GLU A 316 9.08 21.17 -15.69
N LEU A 317 8.38 20.85 -16.77
CA LEU A 317 8.96 19.97 -17.78
C LEU A 317 10.01 20.69 -18.60
N THR A 318 9.77 21.94 -18.95
CA THR A 318 10.78 22.74 -19.59
C THR A 318 12.09 22.76 -18.79
N ALA A 319 12.01 23.05 -17.50
CA ALA A 319 13.20 23.13 -16.67
C ALA A 319 13.92 21.78 -16.53
N LEU A 320 13.24 20.68 -16.86
CA LEU A 320 13.86 19.35 -16.78
C LEU A 320 14.38 18.85 -18.16
N ALA A 321 13.71 19.29 -19.22
CA ALA A 321 13.98 18.77 -20.55
C ALA A 321 15.26 19.37 -21.10
N PRO A 322 15.90 18.70 -22.07
CA PRO A 322 16.99 19.37 -22.80
C PRO A 322 16.52 20.72 -23.35
N SER A 323 17.34 21.76 -23.22
CA SER A 323 17.02 23.09 -23.75
C SER A 323 16.66 23.03 -25.23
N SER A 324 17.16 22.00 -25.92
CA SER A 324 16.96 21.86 -27.37
C SER A 324 15.49 21.60 -27.73
N MET A 325 14.86 20.69 -26.99
CA MET A 325 13.50 20.27 -27.32
C MET A 325 12.47 21.25 -26.76
N LYS A 326 11.47 21.59 -27.58
CA LYS A 326 10.37 22.43 -27.14
C LYS A 326 9.34 21.57 -26.49
N VAL A 327 8.71 22.12 -25.46
CA VAL A 327 7.61 21.45 -24.79
C VAL A 327 6.29 22.11 -25.16
N LYS A 328 5.40 21.33 -25.75
CA LYS A 328 4.09 21.83 -26.03
C LYS A 328 3.06 20.89 -25.43
N ILE A 329 2.19 21.43 -24.60
CA ILE A 329 1.21 20.62 -23.88
C ILE A 329 -0.20 20.91 -24.36
N SER A 330 -0.96 19.84 -24.59
CA SER A 330 -2.35 19.94 -25.03
C SER A 330 -3.26 19.69 -23.85
N ALA A 331 -4.03 20.69 -23.50
CA ALA A 331 -4.98 20.55 -22.41
C ALA A 331 -6.21 21.28 -22.78
N PRO A 332 -7.08 20.63 -23.55
CA PRO A 332 -8.31 21.26 -24.05
C PRO A 332 -9.35 21.41 -22.95
N PRO A 333 -10.28 22.35 -23.10
CA PRO A 333 -11.35 22.53 -22.10
C PRO A 333 -12.14 21.25 -21.78
N GLU A 334 -12.28 20.34 -22.75
CA GLU A 334 -13.16 19.19 -22.55
C GLU A 334 -12.41 17.95 -22.04
N ARG A 335 -11.16 18.14 -21.61
CA ARG A 335 -10.23 17.04 -21.37
C ARG A 335 -10.69 16.10 -20.26
N LYS A 336 -11.63 16.55 -19.45
CA LYS A 336 -12.26 15.66 -18.50
C LYS A 336 -12.90 14.46 -19.18
N TYR A 337 -13.42 14.66 -20.39
CA TYR A 337 -14.12 13.58 -21.10
C TYR A 337 -13.44 13.21 -22.40
N SER A 338 -12.13 13.43 -22.46
CA SER A 338 -11.31 13.06 -23.60
C SER A 338 -11.37 11.60 -23.95
N VAL A 339 -11.27 10.73 -22.96
CA VAL A 339 -11.26 9.30 -23.22
C VAL A 339 -12.58 8.93 -23.90
N TRP A 340 -13.66 9.50 -23.38
CA TRP A 340 -14.95 9.20 -23.94
C TRP A 340 -15.02 9.70 -25.39
N ILE A 341 -14.52 10.91 -25.62
CA ILE A 341 -14.65 11.53 -26.93
C ILE A 341 -13.86 10.73 -27.95
N GLY A 342 -12.72 10.21 -27.51
CA GLY A 342 -11.89 9.31 -28.28
C GLY A 342 -12.65 8.09 -28.73
N GLY A 343 -13.50 7.57 -27.85
CA GLY A 343 -14.24 6.39 -28.19
C GLY A 343 -15.31 6.67 -29.22
N SER A 344 -16.00 7.79 -29.04
CA SER A 344 -17.01 8.26 -29.98
C SER A 344 -16.45 8.44 -31.40
N ILE A 345 -15.27 9.05 -31.50
CA ILE A 345 -14.61 9.26 -32.77
C ILE A 345 -14.17 7.93 -33.36
N LEU A 346 -13.50 7.13 -32.53
CA LEU A 346 -13.03 5.82 -32.95
C LEU A 346 -14.15 4.98 -33.53
N ALA A 347 -15.22 4.82 -32.77
CA ALA A 347 -16.36 3.98 -33.15
C ALA A 347 -17.13 4.49 -34.37
N SER A 348 -16.93 5.76 -34.72
CA SER A 348 -17.50 6.32 -35.94
C SER A 348 -16.64 6.11 -37.21
N LEU A 349 -15.45 5.54 -37.06
CA LEU A 349 -14.57 5.46 -38.22
C LEU A 349 -14.98 4.29 -39.10
N GLY A 350 -14.97 4.54 -40.40
CA GLY A 350 -15.30 3.53 -41.38
C GLY A 350 -14.40 2.31 -41.21
N THR A 351 -13.10 2.55 -41.10
CA THR A 351 -12.16 1.44 -41.02
C THR A 351 -12.31 0.69 -39.71
N PHE A 352 -13.02 1.26 -38.75
CA PHE A 352 -13.20 0.60 -37.46
C PHE A 352 -14.28 -0.47 -37.47
N GLN A 353 -15.28 -0.33 -38.33
CA GLN A 353 -16.42 -1.26 -38.39
C GLN A 353 -15.95 -2.70 -38.61
N GLN A 354 -14.82 -2.82 -39.32
CA GLN A 354 -14.24 -4.12 -39.61
C GLN A 354 -13.59 -4.71 -38.35
N MET A 355 -13.49 -3.91 -37.28
CA MET A 355 -12.81 -4.33 -36.06
C MET A 355 -13.71 -4.87 -34.94
N TRP A 356 -15.01 -4.60 -34.99
CA TRP A 356 -15.93 -5.11 -33.96
C TRP A 356 -15.82 -6.63 -33.81
N ILE A 357 -16.04 -7.10 -32.58
CA ILE A 357 -16.22 -8.51 -32.29
C ILE A 357 -17.71 -8.85 -32.35
N SER A 358 -18.07 -9.80 -33.20
CA SER A 358 -19.48 -10.18 -33.34
C SER A 358 -19.86 -11.27 -32.33
N LYS A 359 -21.15 -11.36 -32.02
CA LYS A 359 -21.70 -12.36 -31.12
C LYS A 359 -21.32 -13.77 -31.58
N GLN A 360 -21.28 -13.98 -32.89
CA GLN A 360 -20.80 -15.24 -33.45
C GLN A 360 -19.31 -15.45 -33.24
N GLU A 361 -18.54 -14.46 -33.64
CA GLU A 361 -17.10 -14.53 -33.52
C GLU A 361 -16.66 -14.99 -32.13
N TYR A 362 -17.49 -14.67 -31.14
CA TYR A 362 -17.28 -15.06 -29.74
C TYR A 362 -17.76 -16.49 -29.45
N ASP A 363 -18.81 -16.90 -30.16
CA ASP A 363 -19.30 -18.28 -30.06
C ASP A 363 -18.30 -19.28 -30.62
N GLU A 364 -17.35 -18.81 -31.41
CA GLU A 364 -16.40 -19.74 -32.01
C GLU A 364 -15.07 -19.74 -31.25
N SER A 365 -14.62 -18.56 -30.81
CA SER A 365 -13.36 -18.47 -30.09
C SER A 365 -13.51 -17.86 -28.69
N ASP A 394 -6.27 3.67 -41.59
CA ASP A 394 -6.72 3.92 -40.22
C ASP A 394 -5.96 5.07 -39.53
N MET A 395 -4.63 4.95 -39.43
CA MET A 395 -3.82 6.01 -38.82
C MET A 395 -4.11 7.42 -39.36
N ALA A 396 -4.33 7.52 -40.67
CA ALA A 396 -4.63 8.79 -41.33
C ALA A 396 -6.08 9.31 -41.11
N GLU A 397 -7.01 8.43 -40.73
CA GLU A 397 -8.38 8.87 -40.44
C GLU A 397 -8.47 9.68 -39.16
N ILE A 398 -7.60 9.36 -38.21
CA ILE A 398 -7.57 10.03 -36.93
C ILE A 398 -7.17 11.48 -37.14
N GLU A 399 -6.05 11.66 -37.84
CA GLU A 399 -5.55 12.98 -38.14
C GLU A 399 -6.62 13.84 -38.86
N LYS A 400 -7.35 13.24 -39.79
CA LYS A 400 -8.31 13.95 -40.64
C LYS A 400 -9.64 14.26 -39.97
N PHE A 401 -10.00 13.46 -38.96
CA PHE A 401 -11.36 13.49 -38.40
C PHE A 401 -11.74 14.91 -37.90
N ASP A 402 -12.92 15.37 -38.34
CA ASP A 402 -13.44 16.70 -38.00
C ASP A 402 -14.42 16.67 -36.82
N LYS A 403 -13.91 17.01 -35.63
CA LYS A 403 -14.70 16.91 -34.41
C LYS A 403 -15.92 17.83 -34.42
N SER A 404 -15.87 18.89 -35.20
CA SER A 404 -16.98 19.84 -35.25
C SER A 404 -18.25 19.19 -35.84
N LYS A 405 -18.10 18.05 -36.51
CA LYS A 405 -19.26 17.32 -37.05
C LYS A 405 -19.87 16.35 -36.04
N LEU A 406 -19.25 16.22 -34.85
CA LEU A 406 -19.85 15.45 -33.78
C LEU A 406 -21.06 16.19 -33.21
N LYS A 407 -22.15 15.47 -32.94
CA LYS A 407 -23.43 16.09 -32.58
C LYS A 407 -23.40 16.72 -31.19
N LYS A 408 -23.88 17.96 -31.10
CA LYS A 408 -23.96 18.68 -29.83
C LYS A 408 -24.75 17.87 -28.83
N THR A 409 -24.18 17.74 -27.64
CA THR A 409 -24.74 16.91 -26.59
C THR A 409 -24.63 17.61 -25.24
N GLU A 410 -25.76 17.74 -24.56
CA GLU A 410 -25.71 18.18 -23.18
C GLU A 410 -25.56 16.97 -22.26
N THR A 411 -24.41 16.94 -21.59
CA THR A 411 -24.07 15.91 -20.63
C THR A 411 -25.00 16.10 -19.46
N GLN A 412 -25.64 15.04 -19.02
CA GLN A 412 -26.36 15.05 -17.74
C GLN A 412 -25.46 14.52 -16.64
N GLU A 413 -24.85 15.41 -15.87
CA GLU A 413 -24.03 14.95 -14.75
C GLU A 413 -24.92 14.74 -13.53
N LYS A 414 -25.11 13.47 -13.18
CA LYS A 414 -25.89 13.11 -12.03
C LYS A 414 -24.94 12.61 -10.93
N ASN A 415 -24.66 13.50 -9.99
CA ASN A 415 -23.84 13.17 -8.83
C ASN A 415 -24.19 14.15 -7.72
N PRO A 416 -25.42 14.07 -7.21
CA PRO A 416 -25.99 15.07 -6.30
C PRO A 416 -25.19 15.14 -5.00
N LEU A 417 -25.11 16.30 -4.36
CA LEU A 417 -24.46 16.40 -3.05
C LEU A 417 -25.44 16.08 -1.89
N PRO A 418 -24.93 15.47 -0.82
CA PRO A 418 -25.78 15.04 0.31
C PRO A 418 -26.44 16.17 1.07
N SER A 419 -27.67 15.94 1.55
CA SER A 419 -28.35 16.90 2.40
C SER A 419 -27.73 16.95 3.76
N LYS A 420 -28.12 17.93 4.55
CA LYS A 420 -27.65 17.96 5.92
C LYS A 420 -28.28 16.78 6.67
N GLU A 421 -29.49 16.42 6.25
CA GLU A 421 -30.16 15.27 6.83
C GLU A 421 -29.37 14.00 6.63
N THR A 422 -28.91 13.78 5.41
CA THR A 422 -28.14 12.59 5.10
C THR A 422 -26.79 12.57 5.80
N ILE A 423 -26.14 13.72 5.85
CA ILE A 423 -24.90 13.85 6.61
C ILE A 423 -25.11 13.44 8.06
N GLU A 424 -26.21 13.93 8.65
CA GLU A 424 -26.58 13.64 10.05
C GLU A 424 -26.99 12.17 10.21
N GLN A 425 -27.70 11.63 9.21
CA GLN A 425 -28.11 10.23 9.16
C GLN A 425 -26.88 9.35 9.27
N GLU A 426 -25.86 9.70 8.49
CA GLU A 426 -24.55 9.05 8.49
C GLU A 426 -23.77 9.28 9.78
N LYS A 427 -23.93 10.47 10.38
CA LYS A 427 -23.24 10.79 11.63
C LYS A 427 -23.62 9.74 12.67
N GLN A 428 -24.89 9.45 12.78
CA GLN A 428 -25.35 8.40 13.65
C GLN A 428 -24.92 6.98 13.22
N ALA A 429 -23.67 6.61 13.51
CA ALA A 429 -23.08 5.32 13.12
C ALA A 429 -21.90 4.99 14.01
N VAL B 5 -11.05 -25.62 5.51
CA VAL B 5 -10.39 -26.34 6.60
C VAL B 5 -9.75 -25.31 7.58
N ALA B 6 -8.81 -25.74 8.43
CA ALA B 6 -8.33 -24.99 9.61
C ALA B 6 -7.95 -23.48 9.43
N ALA B 7 -7.95 -22.75 10.54
CA ALA B 7 -7.60 -21.34 10.55
C ALA B 7 -6.09 -21.15 10.34
N LEU B 8 -5.73 -20.04 9.70
CA LEU B 8 -4.34 -19.75 9.41
C LEU B 8 -3.88 -18.63 10.31
N VAL B 9 -2.60 -18.62 10.64
CA VAL B 9 -2.01 -17.52 11.41
C VAL B 9 -0.83 -17.00 10.61
N ILE B 10 -0.92 -15.75 10.18
CA ILE B 10 0.19 -15.17 9.45
C ILE B 10 0.69 -13.97 10.20
N ASP B 11 1.96 -14.04 10.57
CA ASP B 11 2.64 -12.99 11.29
C ASP B 11 3.62 -12.38 10.33
N ASN B 12 3.31 -11.17 9.85
CA ASN B 12 4.16 -10.41 8.94
C ASN B 12 5.10 -9.41 9.60
N GLY B 13 6.40 -9.68 9.53
CA GLY B 13 7.44 -8.78 10.04
C GLY B 13 8.23 -7.99 9.01
N SER B 14 9.05 -7.04 9.47
CA SER B 14 9.86 -6.24 8.58
C SER B 14 10.79 -7.07 7.67
N GLY B 15 11.43 -8.09 8.25
CA GLY B 15 12.30 -8.98 7.47
C GLY B 15 11.83 -10.37 7.13
N MET B 16 11.09 -10.95 8.07
CA MET B 16 10.64 -12.35 7.94
C MET B 16 9.12 -12.47 8.08
N CYS B 17 8.52 -13.24 7.16
CA CYS B 17 7.12 -13.60 7.26
C CYS B 17 6.95 -15.02 7.86
N LYS B 18 6.12 -15.15 8.90
CA LYS B 18 5.90 -16.42 9.60
C LYS B 18 4.48 -16.92 9.42
N ALA B 19 4.29 -18.06 8.76
CA ALA B 19 2.94 -18.53 8.52
C ALA B 19 2.71 -19.98 8.91
N GLY B 20 1.46 -20.33 9.21
CA GLY B 20 1.14 -21.70 9.59
C GLY B 20 -0.32 -21.93 9.95
N TYR B 21 -0.57 -23.00 10.69
CA TYR B 21 -1.92 -23.40 11.03
C TYR B 21 -2.23 -23.19 12.49
N ALA B 22 -3.40 -22.63 12.77
CA ALA B 22 -3.83 -22.52 14.17
C ALA B 22 -3.79 -23.92 14.75
N GLY B 23 -3.34 -24.03 16.00
CA GLY B 23 -3.23 -25.30 16.67
C GLY B 23 -1.86 -25.93 16.58
N ASP B 24 -1.05 -25.53 15.59
CA ASP B 24 0.32 -26.02 15.52
C ASP B 24 1.12 -25.28 16.57
N ASP B 25 2.31 -25.79 16.91
CA ASP B 25 3.10 -25.19 18.00
C ASP B 25 4.24 -24.32 17.45
N ALA B 26 4.24 -24.11 16.14
CA ALA B 26 5.32 -23.44 15.47
C ALA B 26 4.91 -23.15 14.05
N PRO B 27 5.46 -22.07 13.46
CA PRO B 27 5.03 -21.76 12.08
C PRO B 27 5.38 -22.89 11.15
N HIS B 28 4.58 -23.06 10.12
CA HIS B 28 4.84 -24.05 9.09
C HIS B 28 6.01 -23.63 8.21
N THR B 29 5.95 -22.39 7.74
CA THR B 29 6.94 -21.87 6.83
C THR B 29 7.33 -20.46 7.27
N VAL B 30 8.63 -20.20 7.24
CA VAL B 30 9.14 -18.87 7.49
C VAL B 30 10.08 -18.49 6.36
N PHE B 31 9.86 -17.32 5.77
CA PHE B 31 10.61 -16.90 4.58
C PHE B 31 10.73 -15.39 4.61
N PRO B 32 11.77 -14.82 3.95
CA PRO B 32 12.04 -13.39 4.06
C PRO B 32 10.92 -12.54 3.44
N SER B 33 10.60 -11.43 4.08
CA SER B 33 9.49 -10.60 3.66
C SER B 33 9.90 -9.62 2.54
N VAL B 34 10.18 -10.15 1.36
CA VAL B 34 10.80 -9.37 0.29
C VAL B 34 10.27 -9.73 -1.12
N VAL B 35 10.22 -8.73 -2.00
CA VAL B 35 9.79 -8.90 -3.39
C VAL B 35 10.92 -8.40 -4.33
N GLY B 36 11.22 -9.14 -5.39
CA GLY B 36 12.26 -8.74 -6.33
C GLY B 36 11.80 -8.46 -7.75
N SER B 52 7.36 -11.79 -11.42
CA SER B 52 8.28 -11.35 -10.37
C SER B 52 8.43 -12.46 -9.31
N PHE B 53 9.37 -12.29 -8.40
CA PHE B 53 9.70 -13.35 -7.45
C PHE B 53 9.59 -12.86 -6.00
N VAL B 54 9.14 -13.73 -5.10
CA VAL B 54 8.83 -13.30 -3.75
C VAL B 54 9.59 -14.11 -2.72
N GLY B 55 10.02 -13.46 -1.66
CA GLY B 55 10.54 -14.18 -0.51
C GLY B 55 11.77 -14.99 -0.84
N ASP B 56 11.72 -16.27 -0.49
CA ASP B 56 12.85 -17.17 -0.67
C ASP B 56 13.28 -17.25 -2.13
N GLU B 57 12.33 -17.17 -3.05
CA GLU B 57 12.70 -17.29 -4.46
C GLU B 57 13.30 -15.99 -4.96
N ALA B 58 12.96 -14.87 -4.35
CA ALA B 58 13.61 -13.60 -4.67
C ALA B 58 15.03 -13.62 -4.12
N GLN B 59 15.15 -14.23 -2.95
CA GLN B 59 16.41 -14.34 -2.20
C GLN B 59 17.49 -15.09 -2.99
N SER B 60 17.15 -16.28 -3.48
CA SER B 60 18.13 -17.09 -4.22
C SER B 60 18.50 -16.49 -5.56
N LYS B 61 17.76 -15.46 -6.00
CA LYS B 61 17.95 -14.88 -7.32
C LYS B 61 18.24 -13.39 -7.22
N ARG B 62 18.79 -12.97 -6.07
CA ARG B 62 19.08 -11.55 -5.88
C ARG B 62 20.21 -11.05 -6.79
N GLY B 63 20.96 -11.99 -7.37
CA GLY B 63 22.03 -11.67 -8.29
C GLY B 63 21.54 -10.83 -9.46
N ILE B 64 20.38 -11.20 -9.99
CA ILE B 64 19.86 -10.50 -11.15
C ILE B 64 18.63 -9.63 -10.85
N LEU B 65 18.34 -9.44 -9.56
CA LEU B 65 17.09 -8.79 -9.13
C LEU B 65 17.31 -7.59 -8.22
N THR B 66 16.35 -6.68 -8.20
CA THR B 66 16.34 -5.55 -7.25
C THR B 66 15.31 -5.83 -6.14
N LEU B 67 15.74 -5.82 -4.88
CA LEU B 67 14.82 -6.23 -3.83
C LEU B 67 14.15 -5.06 -3.13
N ARG B 68 12.85 -5.22 -2.87
CA ARG B 68 12.16 -4.22 -2.08
C ARG B 68 11.55 -4.88 -0.84
N TYR B 69 11.59 -4.19 0.28
CA TYR B 69 10.99 -4.68 1.51
C TYR B 69 9.75 -3.88 1.80
N PRO B 70 8.57 -4.49 1.58
CA PRO B 70 7.30 -3.78 1.70
C PRO B 70 6.92 -3.38 3.12
N ILE B 71 7.47 -4.04 4.13
CA ILE B 71 7.29 -3.64 5.52
C ILE B 71 8.58 -3.12 6.12
N GLU B 72 8.60 -1.85 6.49
CA GLU B 72 9.74 -1.23 7.16
C GLU B 72 9.32 -0.67 8.54
N HIS B 73 10.09 -0.99 9.58
CA HIS B 73 9.74 -0.62 10.96
C HIS B 73 8.37 -1.18 11.42
N GLY B 74 8.02 -2.34 10.88
CA GLY B 74 6.79 -3.06 11.22
C GLY B 74 5.50 -2.57 10.59
N ILE B 75 5.57 -1.44 9.90
CA ILE B 75 4.44 -0.82 9.19
C ILE B 75 4.56 -1.02 7.68
N VAL B 76 3.44 -1.34 7.01
CA VAL B 76 3.44 -1.52 5.56
C VAL B 76 3.59 -0.23 4.75
N THR B 77 4.51 -0.24 3.78
CA THR B 77 4.80 0.94 2.97
C THR B 77 4.52 0.67 1.47
N ASN B 78 4.22 -0.57 1.10
CA ASN B 78 3.82 -0.88 -0.28
C ASN B 78 2.83 -2.05 -0.37
N TRP B 79 1.58 -1.74 -0.69
CA TRP B 79 0.49 -2.73 -0.65
C TRP B 79 0.44 -3.69 -1.84
N ASP B 80 1.01 -3.29 -2.97
CA ASP B 80 1.07 -4.21 -4.11
C ASP B 80 2.00 -5.35 -3.73
N ASP B 81 3.17 -4.97 -3.22
CA ASP B 81 4.20 -5.90 -2.77
C ASP B 81 3.76 -6.72 -1.56
N MET B 82 3.02 -6.08 -0.66
CA MET B 82 2.44 -6.78 0.49
C MET B 82 1.48 -7.85 0.02
N GLU B 83 0.75 -7.52 -1.04
CA GLU B 83 -0.22 -8.44 -1.63
C GLU B 83 0.48 -9.70 -2.17
N LYS B 84 1.67 -9.51 -2.75
CA LYS B 84 2.39 -10.62 -3.35
C LYS B 84 2.88 -11.55 -2.25
N ILE B 85 3.32 -10.98 -1.13
CA ILE B 85 3.83 -11.82 -0.04
C ILE B 85 2.73 -12.75 0.46
N TRP B 86 1.52 -12.21 0.60
CA TRP B 86 0.39 -13.01 1.01
C TRP B 86 0.04 -14.02 -0.08
N HIS B 87 0.08 -13.58 -1.34
CA HIS B 87 -0.16 -14.52 -2.43
C HIS B 87 0.84 -15.65 -2.33
N HIS B 88 2.11 -15.29 -2.16
CA HIS B 88 3.16 -16.29 -1.95
C HIS B 88 2.84 -17.21 -0.78
N THR B 89 2.28 -16.64 0.28
CA THR B 89 2.00 -17.41 1.49
C THR B 89 0.92 -18.46 1.24
N PHE B 90 -0.18 -18.02 0.66
CA PHE B 90 -1.31 -18.89 0.40
C PHE B 90 -0.99 -20.02 -0.60
N TYR B 91 -0.59 -19.63 -1.82
CA TYR B 91 -0.52 -20.53 -2.97
C TYR B 91 0.83 -21.24 -3.12
N ASN B 92 1.93 -20.56 -2.75
CA ASN B 92 3.26 -21.14 -2.91
C ASN B 92 3.76 -21.82 -1.64
N GLU B 93 3.58 -21.21 -0.47
CA GLU B 93 4.20 -21.77 0.74
C GLU B 93 3.28 -22.76 1.49
N LEU B 94 2.07 -22.32 1.82
CA LEU B 94 1.13 -23.16 2.55
C LEU B 94 0.32 -24.05 1.61
N ARG B 95 0.07 -23.55 0.40
CA ARG B 95 -0.50 -24.30 -0.71
C ARG B 95 -1.95 -24.72 -0.48
N LEU B 96 -2.80 -23.71 -0.36
CA LEU B 96 -4.21 -23.91 -0.05
C LEU B 96 -5.07 -22.87 -0.73
N ALA B 97 -6.38 -23.10 -0.74
CA ALA B 97 -7.30 -22.13 -1.29
C ALA B 97 -7.62 -21.14 -0.20
N PRO B 98 -7.16 -19.89 -0.35
CA PRO B 98 -7.37 -18.94 0.74
C PRO B 98 -8.83 -18.71 1.08
N GLU B 99 -9.76 -18.97 0.16
CA GLU B 99 -11.21 -18.77 0.42
C GLU B 99 -11.80 -19.81 1.42
N GLU B 100 -10.99 -20.81 1.75
CA GLU B 100 -11.38 -21.94 2.60
C GLU B 100 -10.76 -21.94 4.00
N HIS B 101 -10.21 -20.80 4.42
CA HIS B 101 -9.43 -20.77 5.65
C HIS B 101 -9.59 -19.40 6.30
N PRO B 102 -10.07 -19.36 7.54
CA PRO B 102 -10.00 -18.07 8.21
C PRO B 102 -8.54 -17.66 8.41
N VAL B 103 -8.27 -16.36 8.38
CA VAL B 103 -6.92 -15.86 8.52
C VAL B 103 -6.85 -14.91 9.71
N LEU B 104 -5.86 -15.11 10.58
CA LEU B 104 -5.55 -14.18 11.67
C LEU B 104 -4.22 -13.53 11.36
N LEU B 105 -4.22 -12.21 11.26
CA LEU B 105 -3.03 -11.45 10.90
C LEU B 105 -2.58 -10.74 12.13
N THR B 106 -1.36 -10.23 12.08
CA THR B 106 -0.79 -9.47 13.16
C THR B 106 -0.49 -8.09 12.69
N GLU B 107 -0.36 -7.14 13.60
CA GLU B 107 -0.02 -5.78 13.24
C GLU B 107 0.90 -5.13 14.25
N ALA B 108 1.64 -4.11 13.82
CA ALA B 108 2.49 -3.35 14.73
C ALA B 108 1.58 -2.56 15.65
N PRO B 109 2.04 -2.25 16.87
CA PRO B 109 1.27 -1.30 17.66
C PRO B 109 1.24 0.07 16.98
N MET B 110 0.22 0.87 17.24
CA MET B 110 0.10 2.21 16.65
C MET B 110 -0.02 2.07 15.13
N ASN B 111 -0.43 0.91 14.65
CA ASN B 111 -0.77 0.75 13.23
C ASN B 111 -1.87 1.73 12.82
N PRO B 112 -1.58 2.60 11.84
CA PRO B 112 -2.55 3.54 11.27
C PRO B 112 -3.82 2.86 10.71
N LYS B 113 -4.99 3.40 11.04
CA LYS B 113 -6.25 2.80 10.62
C LYS B 113 -6.41 2.73 9.10
N SER B 114 -5.79 3.66 8.37
CA SER B 114 -5.77 3.51 6.92
C SER B 114 -5.18 2.11 6.58
N ASN B 115 -4.12 1.70 7.29
CA ASN B 115 -3.52 0.38 7.03
C ASN B 115 -4.41 -0.76 7.51
N ARG B 116 -4.95 -0.65 8.71
CA ARG B 116 -5.83 -1.71 9.22
C ARG B 116 -7.05 -1.92 8.33
N GLU B 117 -7.53 -0.86 7.71
CA GLU B 117 -8.64 -1.00 6.78
C GLU B 117 -8.19 -1.67 5.49
N LYS B 118 -7.05 -1.23 4.98
CA LYS B 118 -6.60 -1.71 3.70
C LYS B 118 -6.28 -3.20 3.80
N MET B 119 -5.66 -3.58 4.91
CA MET B 119 -5.36 -4.98 5.22
C MET B 119 -6.63 -5.84 5.14
N THR B 120 -7.73 -5.33 5.68
CA THR B 120 -9.03 -6.02 5.63
C THR B 120 -9.55 -6.17 4.20
N GLN B 121 -9.51 -5.08 3.46
CA GLN B 121 -10.00 -5.07 2.10
C GLN B 121 -9.36 -6.14 1.23
N ILE B 122 -8.03 -6.22 1.27
CA ILE B 122 -7.26 -7.19 0.48
C ILE B 122 -7.54 -8.63 0.88
N MET B 123 -7.56 -8.88 2.17
CA MET B 123 -7.93 -10.20 2.67
C MET B 123 -9.33 -10.58 2.19
N PHE B 124 -10.31 -9.68 2.36
CA PHE B 124 -11.70 -9.96 1.94
C PHE B 124 -11.95 -9.87 0.41
N GLU B 125 -11.54 -8.78 -0.22
CA GLU B 125 -11.85 -8.57 -1.64
C GLU B 125 -10.95 -9.31 -2.63
N THR B 126 -9.65 -9.35 -2.32
CA THR B 126 -8.66 -9.96 -3.19
C THR B 126 -8.58 -11.47 -3.00
N PHE B 127 -8.44 -11.91 -1.75
CA PHE B 127 -8.27 -13.35 -1.47
C PHE B 127 -9.53 -14.10 -1.08
N ASN B 128 -10.64 -13.38 -0.95
CA ASN B 128 -11.92 -13.99 -0.57
C ASN B 128 -11.90 -14.87 0.70
N VAL B 129 -11.24 -14.42 1.76
CA VAL B 129 -11.22 -15.22 2.99
C VAL B 129 -12.63 -15.28 3.60
N PRO B 130 -12.98 -16.45 4.14
CA PRO B 130 -14.24 -16.71 4.84
C PRO B 130 -14.37 -15.94 6.16
N ALA B 131 -13.25 -15.77 6.89
CA ALA B 131 -13.22 -14.98 8.13
C ALA B 131 -11.85 -14.30 8.27
N PHE B 132 -11.77 -13.27 9.10
CA PHE B 132 -10.57 -12.44 9.19
C PHE B 132 -10.46 -11.83 10.58
N TYR B 133 -9.23 -11.59 11.05
CA TYR B 133 -8.97 -10.88 12.33
C TYR B 133 -7.50 -10.40 12.46
N VAL B 134 -7.28 -9.26 13.11
CA VAL B 134 -5.94 -8.75 13.30
C VAL B 134 -5.67 -8.42 14.77
N SER B 135 -4.49 -8.79 15.25
CA SER B 135 -4.13 -8.66 16.67
C SER B 135 -2.82 -7.94 16.76
N ILE B 136 -2.58 -7.30 17.90
CA ILE B 136 -1.31 -6.63 18.14
C ILE B 136 -0.26 -7.66 18.57
N GLN B 137 0.90 -7.64 17.90
CA GLN B 137 1.93 -8.67 18.00
C GLN B 137 2.37 -8.92 19.44
N ALA B 138 2.71 -7.84 20.12
CA ALA B 138 3.13 -7.92 21.52
C ALA B 138 2.09 -8.63 22.38
N VAL B 139 0.82 -8.32 22.16
CA VAL B 139 -0.25 -8.99 22.91
C VAL B 139 -0.20 -10.50 22.74
N LEU B 140 -0.02 -10.95 21.51
CA LEU B 140 0.08 -12.36 21.29
C LEU B 140 1.26 -12.98 22.04
N SER B 141 2.42 -12.31 22.07
CA SER B 141 3.54 -12.79 22.87
C SER B 141 3.17 -13.00 24.34
N LEU B 142 2.39 -12.09 24.90
CA LEU B 142 1.94 -12.25 26.28
C LEU B 142 1.09 -13.51 26.42
N TYR B 143 0.18 -13.71 25.46
CA TYR B 143 -0.74 -14.84 25.52
C TYR B 143 0.04 -16.14 25.44
N ALA B 144 0.97 -16.18 24.49
CA ALA B 144 1.88 -17.30 24.30
C ALA B 144 2.53 -17.75 25.61
N SER B 145 2.85 -16.78 26.46
CA SER B 145 3.49 -17.03 27.73
C SER B 145 2.47 -17.32 28.83
N GLY B 146 1.20 -17.46 28.42
CA GLY B 146 0.09 -17.79 29.32
C GLY B 146 -0.26 -16.69 30.30
N ARG B 147 -0.13 -15.44 29.86
CA ARG B 147 -0.38 -14.30 30.73
C ARG B 147 -1.28 -13.35 30.00
N THR B 148 -1.90 -12.45 30.75
CA THR B 148 -2.69 -11.39 30.16
C THR B 148 -2.26 -10.05 30.69
N THR B 149 -1.38 -10.10 31.68
CA THR B 149 -0.70 -8.92 32.22
C THR B 149 0.80 -9.13 32.20
N GLY B 150 1.51 -8.17 31.62
CA GLY B 150 2.95 -8.21 31.57
C GLY B 150 3.46 -7.05 30.77
N ILE B 151 4.76 -6.91 30.73
CA ILE B 151 5.39 -5.98 29.82
C ILE B 151 6.23 -6.77 28.81
N VAL B 152 6.01 -6.48 27.54
CA VAL B 152 6.62 -7.25 26.48
C VAL B 152 7.69 -6.41 25.80
N LEU B 153 8.85 -7.02 25.63
CA LEU B 153 9.90 -6.41 24.87
C LEU B 153 10.00 -7.22 23.57
N ASP B 154 9.63 -6.57 22.46
CA ASP B 154 9.50 -7.21 21.16
C ASP B 154 10.53 -6.61 20.22
N SER B 155 11.59 -7.37 19.97
CA SER B 155 12.65 -6.90 19.09
C SER B 155 12.78 -7.79 17.88
N GLY B 156 12.56 -7.20 16.71
CA GLY B 156 12.66 -7.89 15.44
C GLY B 156 13.78 -7.37 14.57
N ASP B 157 13.64 -7.52 13.25
CA ASP B 157 14.57 -6.90 12.30
C ASP B 157 14.53 -5.39 12.13
N GLY B 158 13.34 -4.80 12.10
CA GLY B 158 13.27 -3.39 11.76
C GLY B 158 12.87 -2.42 12.86
N VAL B 159 12.30 -2.95 13.92
CA VAL B 159 11.79 -2.15 15.02
C VAL B 159 11.80 -2.93 16.34
N THR B 160 11.93 -2.20 17.45
CA THR B 160 11.83 -2.75 18.78
C THR B 160 10.70 -2.08 19.56
N HIS B 161 9.84 -2.87 20.18
CA HIS B 161 8.73 -2.29 20.91
C HIS B 161 8.79 -2.72 22.35
N VAL B 162 8.42 -1.82 23.24
CA VAL B 162 8.17 -2.19 24.61
C VAL B 162 6.71 -1.89 24.80
N VAL B 163 5.93 -2.90 25.15
CA VAL B 163 4.49 -2.73 25.30
C VAL B 163 4.03 -3.33 26.60
N PRO B 164 3.67 -2.49 27.58
CA PRO B 164 3.00 -2.96 28.80
C PRO B 164 1.50 -3.26 28.57
N ILE B 165 1.03 -4.35 29.16
CA ILE B 165 -0.35 -4.80 28.97
C ILE B 165 -1.00 -5.21 30.31
N TYR B 166 -2.21 -4.72 30.57
CA TYR B 166 -2.91 -5.05 31.83
C TYR B 166 -4.31 -5.56 31.57
N ALA B 167 -4.60 -6.74 32.15
CA ALA B 167 -5.84 -7.45 31.92
C ALA B 167 -6.14 -7.48 30.45
N GLY B 168 -5.16 -7.97 29.69
CA GLY B 168 -5.31 -8.21 28.27
C GLY B 168 -5.32 -7.01 27.34
N PHE B 169 -5.33 -5.79 27.89
CA PHE B 169 -5.31 -4.58 27.06
C PHE B 169 -4.01 -3.79 27.17
N SER B 170 -3.47 -3.36 26.03
CA SER B 170 -2.29 -2.52 26.01
C SER B 170 -2.58 -1.12 26.57
N LEU B 171 -1.64 -0.60 27.36
CA LEU B 171 -1.71 0.75 27.90
C LEU B 171 -0.96 1.64 26.92
N PRO B 172 -1.70 2.29 26.01
CA PRO B 172 -1.13 2.93 24.81
C PRO B 172 -0.23 4.11 25.14
N HIS B 173 -0.49 4.73 26.29
CA HIS B 173 0.28 5.87 26.75
C HIS B 173 1.72 5.49 27.13
N ALA B 174 1.96 4.19 27.33
CA ALA B 174 3.25 3.73 27.81
C ALA B 174 3.96 2.81 26.81
N ILE B 175 3.35 2.63 25.64
CA ILE B 175 3.99 1.87 24.60
C ILE B 175 5.18 2.63 24.03
N LEU B 176 6.36 2.04 24.07
CA LEU B 176 7.55 2.72 23.54
C LEU B 176 8.10 2.00 22.32
N ARG B 177 8.64 2.79 21.39
CA ARG B 177 9.21 2.27 20.17
C ARG B 177 10.58 2.83 19.87
N ILE B 178 11.59 1.96 19.73
CA ILE B 178 12.86 2.37 19.18
C ILE B 178 13.14 1.74 17.82
N ASP B 179 13.67 2.54 16.89
CA ASP B 179 13.99 2.09 15.55
C ASP B 179 15.37 1.45 15.56
N LEU B 180 15.64 0.73 16.64
CA LEU B 180 16.90 0.04 16.88
C LEU B 180 16.67 -1.48 16.96
N ALA B 181 17.02 -2.22 15.91
CA ALA B 181 16.79 -3.67 15.93
C ALA B 181 17.81 -4.46 15.12
N GLY B 182 17.40 -5.63 14.65
CA GLY B 182 18.29 -6.59 14.02
C GLY B 182 18.98 -6.06 12.79
N ARG B 183 18.31 -5.16 12.09
CA ARG B 183 18.85 -4.51 10.91
C ARG B 183 20.12 -3.75 11.24
N ASP B 184 19.99 -2.91 12.25
CA ASP B 184 21.04 -2.06 12.78
C ASP B 184 22.21 -2.87 13.30
N LEU B 185 21.94 -3.96 14.02
CA LEU B 185 23.03 -4.80 14.52
C LEU B 185 23.83 -5.45 13.40
N THR B 186 23.15 -5.84 12.32
CA THR B 186 23.78 -6.40 11.13
C THR B 186 24.64 -5.36 10.39
N ASP B 187 24.08 -4.18 10.08
CA ASP B 187 24.86 -3.08 9.49
C ASP B 187 26.03 -2.71 10.40
N TYR B 188 25.84 -2.80 11.70
CA TYR B 188 26.91 -2.46 12.63
C TYR B 188 27.97 -3.54 12.67
N LEU B 189 27.57 -4.81 12.72
CA LEU B 189 28.54 -5.90 12.64
C LEU B 189 29.32 -5.82 11.32
N MET B 190 28.62 -5.49 10.25
CA MET B 190 29.22 -5.35 8.93
C MET B 190 30.24 -4.21 8.91
N LYS B 191 29.98 -3.17 9.71
CA LYS B 191 30.85 -2.02 9.75
C LYS B 191 32.11 -2.32 10.55
N ILE B 192 31.99 -3.03 11.66
CA ILE B 192 33.16 -3.32 12.49
C ILE B 192 33.95 -4.53 11.99
N LEU B 193 33.39 -5.27 11.04
CA LEU B 193 34.14 -6.32 10.35
C LEU B 193 34.89 -5.73 9.15
N SER B 194 34.30 -4.72 8.50
CA SER B 194 34.97 -4.00 7.42
C SER B 194 36.17 -3.24 7.95
N GLU B 195 36.01 -2.59 9.11
CA GLU B 195 37.13 -1.89 9.70
C GLU B 195 38.25 -2.86 9.89
N ARG B 196 37.92 -4.11 10.19
CA ARG B 196 38.95 -5.10 10.47
C ARG B 196 39.61 -5.63 9.19
N GLY B 197 39.09 -5.26 8.02
CA GLY B 197 39.72 -5.64 6.77
C GLY B 197 38.96 -6.59 5.86
N TYR B 198 37.75 -6.92 6.26
CA TYR B 198 36.88 -7.79 5.47
C TYR B 198 36.09 -6.98 4.44
N THR B 199 35.97 -7.50 3.21
CA THR B 199 35.38 -6.72 2.12
C THR B 199 33.90 -7.02 1.96
N PHE B 200 33.09 -6.57 2.92
CA PHE B 200 31.64 -6.80 2.82
C PHE B 200 30.94 -5.53 2.31
N SER B 201 30.74 -5.46 0.99
CA SER B 201 30.29 -4.22 0.37
C SER B 201 28.95 -4.39 -0.36
N THR B 202 28.41 -5.60 -0.40
CA THR B 202 27.16 -5.77 -1.12
C THR B 202 26.01 -6.13 -0.19
N SER B 203 24.81 -6.06 -0.73
CA SER B 203 23.58 -6.40 -0.01
C SER B 203 23.55 -7.91 0.19
N ALA B 204 24.17 -8.64 -0.74
CA ALA B 204 24.25 -10.10 -0.67
C ALA B 204 25.16 -10.56 0.46
N GLU B 205 26.30 -9.87 0.60
CA GLU B 205 27.29 -10.14 1.66
C GLU B 205 26.72 -9.78 3.03
N ARG B 206 25.88 -8.75 3.05
CA ARG B 206 25.16 -8.36 4.25
C ARG B 206 24.35 -9.52 4.89
N GLU B 207 23.86 -10.44 4.06
CA GLU B 207 23.12 -11.60 4.55
C GLU B 207 24.05 -12.61 5.20
N ILE B 208 25.32 -12.59 4.78
CA ILE B 208 26.33 -13.44 5.41
C ILE B 208 26.62 -12.88 6.79
N VAL B 209 26.70 -11.56 6.88
CA VAL B 209 27.01 -10.88 8.13
C VAL B 209 25.84 -11.10 9.11
N ARG B 210 24.63 -11.07 8.57
CA ARG B 210 23.44 -11.41 9.34
C ARG B 210 23.59 -12.79 9.93
N ASP B 211 23.99 -13.75 9.10
CA ASP B 211 24.12 -15.13 9.54
C ASP B 211 25.18 -15.23 10.63
N ILE B 212 26.28 -14.50 10.48
CA ILE B 212 27.39 -14.52 11.44
C ILE B 212 26.90 -14.00 12.78
N LYS B 213 26.18 -12.89 12.74
CA LYS B 213 25.52 -12.33 13.89
C LYS B 213 24.68 -13.38 14.64
N GLU B 214 23.76 -14.02 13.93
CA GLU B 214 22.85 -15.01 14.53
C GLU B 214 23.59 -16.22 15.10
N LYS B 215 24.77 -16.46 14.58
CA LYS B 215 25.48 -17.68 14.93
C LYS B 215 26.55 -17.45 15.98
N LEU B 216 27.25 -16.32 15.93
CA LEU B 216 28.47 -16.16 16.73
C LEU B 216 28.39 -15.09 17.80
N CYS B 217 27.50 -14.15 17.61
CA CYS B 217 27.35 -13.03 18.52
C CYS B 217 26.66 -13.41 19.83
N TYR B 218 26.84 -12.57 20.83
CA TYR B 218 26.25 -12.79 22.12
C TYR B 218 26.34 -11.51 22.93
N VAL B 219 25.59 -11.46 24.03
CA VAL B 219 25.57 -10.28 24.86
C VAL B 219 26.36 -10.54 26.15
N ALA B 220 27.28 -9.63 26.42
CA ALA B 220 28.15 -9.74 27.60
C ALA B 220 27.45 -9.25 28.86
N LEU B 221 27.60 -10.02 29.92
CA LEU B 221 27.12 -9.66 31.24
C LEU B 221 27.73 -8.34 31.73
N ASP B 222 29.06 -8.30 31.74
CA ASP B 222 29.82 -7.09 32.06
C ASP B 222 30.65 -6.71 30.83
N PHE B 223 30.28 -5.61 30.19
CA PHE B 223 30.88 -5.29 28.91
C PHE B 223 32.35 -4.93 29.05
N ASP B 224 32.62 -3.96 29.90
CA ASP B 224 33.96 -3.41 30.01
C ASP B 224 34.92 -4.45 30.54
N GLN B 225 34.49 -5.27 31.49
CA GLN B 225 35.34 -6.34 31.99
C GLN B 225 35.72 -7.28 30.87
N GLU B 226 34.71 -7.70 30.12
CA GLU B 226 34.90 -8.69 29.05
C GLU B 226 35.78 -8.18 27.88
N LEU B 227 35.63 -6.88 27.60
CA LEU B 227 36.34 -6.18 26.54
C LEU B 227 37.84 -6.18 26.84
N GLN B 228 38.12 -5.96 28.12
CA GLN B 228 39.48 -5.98 28.69
C GLN B 228 40.15 -7.36 28.60
N THR B 229 39.33 -8.40 28.72
CA THR B 229 39.82 -9.77 28.71
C THR B 229 40.00 -10.30 27.30
N SER B 230 39.19 -9.81 26.37
CA SER B 230 39.33 -10.25 24.98
C SER B 230 40.72 -9.93 24.42
N SER B 231 41.31 -8.82 24.86
CA SER B 231 42.58 -8.42 24.26
C SER B 231 43.64 -9.50 24.36
N GLN B 232 43.68 -10.23 25.46
CA GLN B 232 44.65 -11.33 25.53
C GLN B 232 44.03 -12.65 25.96
N SER B 233 43.14 -13.15 25.12
CA SER B 233 42.65 -14.52 25.24
C SER B 233 42.41 -15.11 23.85
N SER B 234 42.42 -16.44 23.76
CA SER B 234 42.05 -17.11 22.52
C SER B 234 40.68 -17.79 22.70
N SER B 235 40.10 -17.65 23.88
CA SER B 235 38.74 -18.16 24.13
C SER B 235 37.64 -17.39 23.39
N ILE B 236 37.80 -16.08 23.20
CA ILE B 236 36.78 -15.28 22.51
C ILE B 236 36.60 -15.59 21.04
N GLU B 237 37.68 -16.00 20.37
CA GLU B 237 37.69 -16.14 18.91
C GLU B 237 36.93 -17.35 18.38
N LYS B 238 36.17 -17.12 17.32
CA LYS B 238 35.42 -18.16 16.64
C LYS B 238 35.61 -18.01 15.16
N SER B 239 35.63 -19.13 14.43
CA SER B 239 35.77 -19.12 12.97
C SER B 239 34.44 -19.36 12.24
N TYR B 240 34.33 -18.75 11.07
CA TYR B 240 33.12 -18.84 10.25
C TYR B 240 33.52 -19.10 8.78
N GLU B 241 32.92 -20.09 8.12
CA GLU B 241 33.26 -20.36 6.73
C GLU B 241 32.37 -19.57 5.80
N LEU B 242 33.00 -18.79 4.92
CA LEU B 242 32.31 -17.95 3.95
C LEU B 242 31.82 -18.81 2.74
N PRO B 243 31.04 -18.21 1.83
CA PRO B 243 30.59 -19.04 0.71
C PRO B 243 31.72 -19.49 -0.24
N ASP B 244 32.68 -18.62 -0.53
CA ASP B 244 33.77 -18.99 -1.43
C ASP B 244 34.66 -20.10 -0.81
N GLY B 245 34.53 -20.29 0.51
CA GLY B 245 35.28 -21.31 1.22
C GLY B 245 36.34 -20.74 2.13
N GLN B 246 36.53 -19.42 2.08
CA GLN B 246 37.50 -18.74 2.96
C GLN B 246 36.95 -18.72 4.37
N VAL B 247 37.79 -19.10 5.30
CA VAL B 247 37.42 -19.08 6.69
C VAL B 247 37.93 -17.80 7.30
N ILE B 248 37.02 -17.04 7.90
CA ILE B 248 37.39 -15.84 8.64
C ILE B 248 37.23 -16.05 10.14
N THR B 249 37.84 -15.16 10.94
CA THR B 249 37.82 -15.31 12.39
C THR B 249 37.18 -14.10 13.11
N ILE B 250 36.29 -14.37 14.06
CA ILE B 250 35.50 -13.34 14.73
C ILE B 250 35.94 -13.24 16.16
N GLY B 251 36.30 -12.04 16.61
CA GLY B 251 36.78 -11.88 17.97
C GLY B 251 35.75 -11.30 18.90
N ASN B 252 36.09 -10.15 19.47
CA ASN B 252 35.16 -9.45 20.33
C ASN B 252 34.09 -8.71 19.54
N GLU B 253 34.12 -8.77 18.22
CA GLU B 253 32.95 -8.29 17.46
C GLU B 253 31.73 -9.08 17.90
N ARG B 254 31.95 -10.30 18.37
CA ARG B 254 30.88 -11.16 18.87
C ARG B 254 29.99 -10.46 19.88
N PHE B 255 30.58 -9.80 20.86
CA PHE B 255 29.76 -9.13 21.86
C PHE B 255 29.73 -7.61 21.70
N ARG B 256 30.59 -7.04 20.86
CA ARG B 256 30.55 -5.59 20.63
C ARG B 256 29.33 -5.14 19.87
N ALA B 257 28.95 -5.90 18.84
CA ALA B 257 27.81 -5.52 18.04
C ALA B 257 26.50 -5.59 18.87
N PRO B 258 26.26 -6.69 19.62
CA PRO B 258 25.01 -6.69 20.39
C PRO B 258 24.97 -5.61 21.48
N GLU B 259 26.13 -5.11 21.92
CA GLU B 259 26.17 -4.07 22.96
C GLU B 259 25.46 -2.79 22.53
N ALA B 260 25.29 -2.63 21.21
CA ALA B 260 24.54 -1.51 20.66
C ALA B 260 23.04 -1.52 21.04
N LEU B 261 22.58 -2.62 21.63
CA LEU B 261 21.21 -2.73 22.13
C LEU B 261 21.08 -2.02 23.47
N PHE B 262 22.19 -1.96 24.19
CA PHE B 262 22.21 -1.36 25.53
C PHE B 262 22.87 0.03 25.50
N HIS B 263 23.68 0.29 24.47
CA HIS B 263 24.30 1.61 24.30
C HIS B 263 24.22 2.05 22.88
N PRO B 264 23.05 2.51 22.44
CA PRO B 264 22.81 2.85 21.03
C PRO B 264 23.64 4.03 20.51
N SER B 265 24.36 4.72 21.40
CA SER B 265 25.16 5.89 21.00
C SER B 265 26.25 5.48 20.03
N VAL B 266 26.75 4.25 20.20
CA VAL B 266 27.75 3.70 19.32
C VAL B 266 27.20 3.56 17.89
N LEU B 267 25.90 3.71 17.73
CA LEU B 267 25.32 3.68 16.39
C LEU B 267 25.07 5.12 15.95
N GLY B 268 25.46 6.06 16.81
CA GLY B 268 25.26 7.48 16.53
C GLY B 268 23.83 7.88 16.76
N LEU B 269 23.05 6.97 17.34
CA LEU B 269 21.67 7.21 17.68
C LEU B 269 21.64 7.80 19.08
N GLU B 270 20.80 8.82 19.29
CA GLU B 270 20.54 9.26 20.65
C GLU B 270 19.24 8.62 21.11
N ALA B 271 19.24 7.29 21.05
CA ALA B 271 18.15 6.52 21.63
C ALA B 271 18.64 5.97 22.98
N SER B 272 17.71 5.53 23.84
CA SER B 272 18.08 4.84 25.07
C SER B 272 18.16 3.33 24.82
N GLY B 273 18.96 2.63 25.63
CA GLY B 273 19.13 1.20 25.45
C GLY B 273 17.83 0.45 25.64
N ILE B 274 17.82 -0.85 25.40
CA ILE B 274 16.59 -1.62 25.55
C ILE B 274 16.29 -1.83 27.04
N ASP B 275 17.32 -1.78 27.87
CA ASP B 275 17.13 -1.86 29.30
C ASP B 275 16.50 -0.56 29.83
N GLN B 276 17.03 0.59 29.44
CA GLN B 276 16.52 1.88 29.90
C GLN B 276 15.13 2.17 29.33
N THR B 277 14.88 1.71 28.13
CA THR B 277 13.57 1.88 27.49
C THR B 277 12.48 1.09 28.23
N THR B 278 12.85 -0.10 28.71
CA THR B 278 11.93 -0.95 29.47
C THR B 278 11.62 -0.31 30.83
N TYR B 279 12.67 0.23 31.43
CA TYR B 279 12.47 0.96 32.67
C TYR B 279 11.58 2.17 32.42
N ASN B 280 11.87 2.96 31.40
CA ASN B 280 11.13 4.18 31.11
C ASN B 280 9.67 3.92 30.83
N SER B 281 9.39 2.72 30.32
CA SER B 281 8.03 2.36 29.99
C SER B 281 7.27 2.00 31.25
N ILE B 282 7.81 1.09 32.04
CA ILE B 282 7.21 0.75 33.31
C ILE B 282 6.87 1.98 34.14
N MET B 283 7.77 2.95 34.11
CA MET B 283 7.61 4.20 34.86
C MET B 283 6.53 5.10 34.31
N LYS B 284 6.05 4.81 33.11
CA LYS B 284 4.93 5.57 32.54
C LYS B 284 3.63 4.92 33.01
N CYS B 285 3.76 3.88 33.83
CA CYS B 285 2.62 3.17 34.40
C CYS B 285 2.34 3.53 35.87
N ASP B 286 1.11 3.22 36.32
CA ASP B 286 0.71 3.44 37.71
C ASP B 286 1.57 2.61 38.65
N VAL B 287 1.91 3.19 39.80
CA VAL B 287 2.78 2.52 40.77
C VAL B 287 2.26 1.13 41.20
N ASP B 288 0.94 1.01 41.43
CA ASP B 288 0.37 -0.26 41.84
C ASP B 288 0.66 -1.34 40.82
N VAL B 289 0.77 -0.93 39.56
CA VAL B 289 0.84 -1.88 38.44
C VAL B 289 2.30 -2.22 38.08
N ARG B 290 3.20 -1.33 38.45
CA ARG B 290 4.59 -1.55 38.12
C ARG B 290 5.03 -2.91 38.64
N LYS B 291 4.61 -3.28 39.85
CA LYS B 291 5.05 -4.53 40.50
C LYS B 291 4.67 -5.80 39.73
N GLU B 292 3.50 -5.78 39.11
CA GLU B 292 3.06 -6.85 38.23
C GLU B 292 3.94 -6.83 36.98
N LEU B 293 4.11 -5.64 36.38
CA LEU B 293 4.99 -5.51 35.22
C LEU B 293 6.38 -6.10 35.46
N TYR B 294 7.11 -5.62 36.47
CA TYR B 294 8.46 -6.12 36.77
C TYR B 294 8.60 -7.63 36.88
N SER B 295 7.55 -8.28 37.38
CA SER B 295 7.62 -9.73 37.58
C SER B 295 6.98 -10.50 36.45
N ASN B 296 6.57 -9.80 35.40
CA ASN B 296 6.06 -10.44 34.19
C ASN B 296 6.64 -9.74 32.96
N ILE B 297 7.96 -9.74 32.90
CA ILE B 297 8.66 -9.22 31.75
C ILE B 297 8.79 -10.34 30.75
N VAL B 298 8.29 -10.11 29.55
CA VAL B 298 8.35 -11.11 28.50
C VAL B 298 9.19 -10.60 27.33
N MET B 299 10.18 -11.39 26.92
CA MET B 299 10.98 -11.02 25.79
C MET B 299 10.61 -11.86 24.58
N SER B 300 10.28 -11.23 23.45
CA SER B 300 10.04 -11.97 22.19
C SER B 300 10.72 -11.33 20.99
N GLY B 301 10.84 -12.10 19.90
CA GLY B 301 11.46 -11.61 18.68
C GLY B 301 12.89 -12.08 18.47
N GLY B 302 13.35 -12.02 17.24
CA GLY B 302 14.58 -12.68 16.86
C GLY B 302 15.80 -12.01 17.41
N THR B 303 15.77 -10.69 17.54
CA THR B 303 16.89 -9.94 18.10
C THR B 303 17.07 -10.27 19.59
N THR B 304 16.00 -10.72 20.26
CA THR B 304 16.12 -11.11 21.66
C THR B 304 16.66 -12.54 21.81
N MET B 305 17.20 -13.11 20.74
CA MET B 305 17.69 -14.49 20.78
C MET B 305 19.15 -14.59 21.17
N PHE B 306 19.87 -13.47 21.21
CA PHE B 306 21.31 -13.49 21.48
C PHE B 306 21.58 -14.21 22.80
N PRO B 307 22.58 -15.11 22.82
CA PRO B 307 22.97 -15.66 24.12
C PRO B 307 23.34 -14.53 25.09
N GLY B 308 22.99 -14.67 26.35
CA GLY B 308 23.40 -13.70 27.35
C GLY B 308 22.47 -12.51 27.58
N ILE B 309 21.46 -12.35 26.73
CA ILE B 309 20.63 -11.13 26.77
C ILE B 309 19.63 -11.06 27.94
N ALA B 310 19.11 -12.20 28.36
CA ALA B 310 18.12 -12.24 29.44
C ALA B 310 18.81 -12.00 30.76
N GLU B 311 20.01 -12.54 30.87
CA GLU B 311 20.79 -12.43 32.08
C GLU B 311 21.28 -11.00 32.24
N ARG B 312 21.51 -10.35 31.10
CA ARG B 312 21.96 -8.97 31.10
C ARG B 312 20.76 -8.05 31.33
N MET B 313 19.66 -8.34 30.65
CA MET B 313 18.37 -7.72 30.91
C MET B 313 18.01 -7.77 32.40
N GLN B 314 18.18 -8.95 33.00
CA GLN B 314 17.90 -9.19 34.41
C GLN B 314 18.75 -8.31 35.34
N LYS B 315 20.06 -8.33 35.13
CA LYS B 315 21.02 -7.51 35.87
C LYS B 315 20.81 -6.00 35.77
N GLU B 316 20.69 -5.52 34.54
CA GLU B 316 20.55 -4.11 34.29
C GLU B 316 19.26 -3.58 34.90
N LEU B 317 18.18 -4.34 34.75
CA LEU B 317 16.85 -3.89 35.23
C LEU B 317 16.74 -3.96 36.74
N THR B 318 17.25 -5.04 37.34
CA THR B 318 17.33 -5.13 38.79
C THR B 318 17.99 -3.88 39.35
N ALA B 319 19.12 -3.49 38.75
CA ALA B 319 19.91 -2.35 39.18
C ALA B 319 19.19 -0.99 39.05
N LEU B 320 18.15 -0.93 38.23
CA LEU B 320 17.38 0.31 38.04
C LEU B 320 16.09 0.28 38.88
N ALA B 321 15.58 -0.91 39.11
CA ALA B 321 14.28 -1.05 39.75
C ALA B 321 14.43 -0.84 41.24
N PRO B 322 13.31 -0.45 41.90
CA PRO B 322 13.29 -0.43 43.37
C PRO B 322 13.77 -1.77 43.94
N SER B 323 14.61 -1.71 44.98
CA SER B 323 15.13 -2.91 45.64
C SER B 323 14.01 -3.85 46.06
N SER B 324 12.85 -3.26 46.31
CA SER B 324 11.68 -3.99 46.80
C SER B 324 11.11 -4.97 45.79
N MET B 325 10.95 -4.51 44.55
CA MET B 325 10.30 -5.30 43.50
C MET B 325 11.23 -6.32 42.91
N LYS B 326 10.74 -7.54 42.72
CA LYS B 326 11.52 -8.55 42.06
C LYS B 326 11.34 -8.40 40.56
N VAL B 327 12.42 -8.61 39.83
CA VAL B 327 12.36 -8.60 38.38
C VAL B 327 12.42 -10.02 37.95
N LYS B 328 11.36 -10.49 37.29
CA LYS B 328 11.41 -11.81 36.73
C LYS B 328 11.10 -11.70 35.24
N ILE B 329 12.02 -12.22 34.44
CA ILE B 329 11.94 -12.13 32.99
C ILE B 329 11.63 -13.49 32.40
N SER B 330 10.70 -13.49 31.44
CA SER B 330 10.31 -14.70 30.76
C SER B 330 10.95 -14.68 29.36
N ALA B 331 11.85 -15.61 29.10
CA ALA B 331 12.43 -15.67 27.78
C ALA B 331 12.63 -17.10 27.34
N PRO B 332 11.57 -17.72 26.83
CA PRO B 332 11.55 -19.14 26.45
C PRO B 332 12.36 -19.39 25.20
N PRO B 333 12.80 -20.65 24.99
CA PRO B 333 13.60 -21.03 23.81
C PRO B 333 12.94 -20.65 22.48
N GLU B 334 11.62 -20.65 22.45
CA GLU B 334 10.90 -20.50 21.20
C GLU B 334 10.49 -19.05 20.93
N ARG B 335 11.05 -18.12 21.71
CA ARG B 335 10.55 -16.74 21.78
C ARG B 335 10.68 -16.01 20.47
N LYS B 336 11.54 -16.50 19.59
CA LYS B 336 11.65 -15.94 18.26
C LYS B 336 10.28 -15.98 17.57
N TYR B 337 9.49 -17.00 17.90
CA TYR B 337 8.18 -17.19 17.30
C TYR B 337 7.01 -17.11 18.28
N SER B 338 7.20 -16.38 19.38
CA SER B 338 6.18 -16.15 20.42
C SER B 338 4.93 -15.45 19.92
N VAL B 339 5.11 -14.46 19.05
CA VAL B 339 3.96 -13.76 18.48
C VAL B 339 3.13 -14.75 17.67
N TRP B 340 3.79 -15.56 16.86
CA TRP B 340 3.06 -16.51 16.03
C TRP B 340 2.34 -17.51 16.92
N ILE B 341 3.00 -18.02 17.94
CA ILE B 341 2.40 -19.06 18.81
C ILE B 341 1.21 -18.49 19.57
N GLY B 342 1.34 -17.23 19.97
CA GLY B 342 0.24 -16.51 20.59
C GLY B 342 -0.97 -16.53 19.67
N GLY B 343 -0.71 -16.37 18.39
CA GLY B 343 -1.76 -16.33 17.40
C GLY B 343 -2.42 -17.69 17.22
N SER B 344 -1.60 -18.72 17.17
CA SER B 344 -2.07 -20.10 17.12
C SER B 344 -2.99 -20.43 18.31
N ILE B 345 -2.59 -19.96 19.50
CA ILE B 345 -3.34 -20.16 20.71
C ILE B 345 -4.66 -19.42 20.71
N LEU B 346 -4.62 -18.15 20.32
CA LEU B 346 -5.80 -17.31 20.25
C LEU B 346 -6.88 -17.86 19.31
N ALA B 347 -6.46 -18.19 18.10
CA ALA B 347 -7.39 -18.67 17.10
C ALA B 347 -8.01 -20.03 17.45
N SER B 348 -7.40 -20.79 18.35
CA SER B 348 -8.01 -22.04 18.81
C SER B 348 -9.04 -21.87 19.92
N LEU B 349 -9.19 -20.66 20.44
CA LEU B 349 -10.03 -20.50 21.60
C LEU B 349 -11.50 -20.50 21.22
N GLY B 350 -12.29 -21.21 22.01
CA GLY B 350 -13.73 -21.30 21.86
C GLY B 350 -14.34 -19.92 21.89
N THR B 351 -13.94 -19.14 22.89
CA THR B 351 -14.46 -17.79 23.03
C THR B 351 -13.97 -16.85 21.94
N PHE B 352 -12.95 -17.26 21.20
CA PHE B 352 -12.43 -16.42 20.15
C PHE B 352 -13.28 -16.51 18.89
N GLN B 353 -13.91 -17.67 18.67
CA GLN B 353 -14.68 -17.91 17.44
C GLN B 353 -15.77 -16.87 17.17
N GLN B 354 -16.34 -16.31 18.23
CA GLN B 354 -17.38 -15.32 18.07
C GLN B 354 -16.80 -13.98 17.59
N MET B 355 -15.48 -13.88 17.61
CA MET B 355 -14.82 -12.62 17.31
C MET B 355 -14.36 -12.46 15.87
N TRP B 356 -14.31 -13.55 15.10
CA TRP B 356 -13.96 -13.47 13.69
C TRP B 356 -14.81 -12.44 12.97
N ILE B 357 -14.22 -11.76 12.00
CA ILE B 357 -14.97 -10.92 11.09
C ILE B 357 -15.36 -11.79 9.89
N SER B 358 -16.65 -11.88 9.62
CA SER B 358 -17.13 -12.67 8.50
C SER B 358 -17.18 -11.86 7.20
N LYS B 359 -17.10 -12.55 6.08
CA LYS B 359 -17.18 -11.92 4.77
C LYS B 359 -18.42 -11.02 4.59
N GLN B 360 -19.57 -11.50 5.10
CA GLN B 360 -20.83 -10.76 5.08
C GLN B 360 -20.79 -9.52 5.96
N GLU B 361 -20.35 -9.72 7.20
CA GLU B 361 -20.22 -8.64 8.16
C GLU B 361 -19.47 -7.42 7.60
N TYR B 362 -18.53 -7.70 6.69
CA TYR B 362 -17.72 -6.68 6.06
C TYR B 362 -18.50 -5.99 4.94
N ASP B 363 -19.36 -6.77 4.28
CA ASP B 363 -20.26 -6.27 3.25
C ASP B 363 -21.31 -5.30 3.82
N GLU B 364 -21.49 -5.31 5.12
CA GLU B 364 -22.41 -4.36 5.74
C GLU B 364 -21.60 -3.26 6.41
N ASP B 394 -12.90 -15.34 28.57
CA ASP B 394 -11.83 -15.17 27.60
C ASP B 394 -10.47 -15.07 28.29
N MET B 395 -10.31 -14.06 29.16
CA MET B 395 -9.07 -13.87 29.90
C MET B 395 -8.63 -15.15 30.61
N ALA B 396 -9.59 -15.84 31.23
CA ALA B 396 -9.28 -17.05 31.97
C ALA B 396 -8.90 -18.24 31.05
N GLU B 397 -9.29 -18.16 29.79
CA GLU B 397 -8.91 -19.18 28.80
C GLU B 397 -7.42 -19.10 28.45
N ILE B 398 -6.89 -17.88 28.57
CA ILE B 398 -5.50 -17.62 28.27
C ILE B 398 -4.66 -18.34 29.29
N GLU B 399 -4.94 -18.04 30.56
CA GLU B 399 -4.22 -18.63 31.69
C GLU B 399 -4.25 -20.16 31.66
N LYS B 400 -5.41 -20.73 31.34
CA LYS B 400 -5.59 -22.16 31.47
C LYS B 400 -4.93 -22.96 30.37
N PHE B 401 -4.80 -22.35 29.20
CA PHE B 401 -4.49 -23.10 27.97
C PHE B 401 -3.20 -23.90 28.06
N ASP B 402 -3.32 -25.17 27.68
CA ASP B 402 -2.23 -26.16 27.69
C ASP B 402 -1.55 -26.28 26.34
N LYS B 403 -0.39 -25.63 26.23
CA LYS B 403 0.40 -25.54 25.00
C LYS B 403 0.93 -26.87 24.52
N SER B 404 1.08 -27.82 25.42
CA SER B 404 1.62 -29.13 25.07
C SER B 404 0.67 -29.85 24.14
N LYS B 405 -0.58 -29.38 24.10
CA LYS B 405 -1.61 -29.89 23.19
C LYS B 405 -1.57 -29.20 21.82
N LEU B 406 -0.67 -28.24 21.65
CA LEU B 406 -0.43 -27.69 20.32
C LEU B 406 0.34 -28.74 19.53
N LYS B 407 -0.04 -28.95 18.27
CA LYS B 407 0.58 -30.04 17.52
C LYS B 407 2.03 -29.75 17.11
N LYS B 408 2.91 -30.75 17.28
CA LYS B 408 4.32 -30.62 16.91
C LYS B 408 4.51 -30.21 15.47
N THR B 409 5.36 -29.21 15.23
CA THR B 409 5.54 -28.73 13.87
C THR B 409 7.02 -28.43 13.59
N GLU B 410 7.55 -29.03 12.55
CA GLU B 410 8.88 -28.66 12.11
C GLU B 410 8.83 -27.43 11.20
N THR B 411 9.37 -26.33 11.71
CA THR B 411 9.36 -25.10 10.94
C THR B 411 10.32 -25.24 9.76
N GLN B 412 9.82 -24.90 8.58
CA GLN B 412 10.65 -24.83 7.39
C GLN B 412 11.15 -23.41 7.14
N GLU B 413 12.38 -23.13 7.55
CA GLU B 413 12.96 -21.82 7.28
C GLU B 413 13.62 -21.76 5.89
N LYS B 414 13.03 -20.92 5.04
CA LYS B 414 13.57 -20.69 3.73
C LYS B 414 14.14 -19.29 3.67
N ASN B 415 15.45 -19.18 3.78
CA ASN B 415 16.14 -17.92 3.65
C ASN B 415 17.58 -18.21 3.30
N PRO B 416 17.79 -18.74 2.09
CA PRO B 416 19.11 -19.24 1.72
C PRO B 416 20.19 -18.15 1.69
N LEU B 417 21.41 -18.56 2.02
CA LEU B 417 22.52 -17.64 1.92
C LEU B 417 23.03 -17.68 0.49
N PRO B 418 23.42 -16.52 -0.03
CA PRO B 418 23.87 -16.35 -1.42
C PRO B 418 25.13 -17.15 -1.74
N SER B 419 25.23 -17.62 -2.98
CA SER B 419 26.44 -18.27 -3.47
C SER B 419 27.53 -17.23 -3.68
N LYS B 420 28.76 -17.67 -3.84
CA LYS B 420 29.83 -16.73 -4.11
C LYS B 420 29.61 -16.09 -5.50
N GLU B 421 28.97 -16.83 -6.40
CA GLU B 421 28.59 -16.31 -7.72
C GLU B 421 27.63 -15.13 -7.64
N THR B 422 26.60 -15.25 -6.80
CA THR B 422 25.60 -14.17 -6.66
C THR B 422 26.22 -12.92 -6.02
N ILE B 423 27.09 -13.13 -5.06
CA ILE B 423 27.87 -12.05 -4.51
C ILE B 423 28.66 -11.33 -5.61
N GLU B 424 29.32 -12.09 -6.47
CA GLU B 424 30.10 -11.47 -7.55
C GLU B 424 29.22 -10.74 -8.57
N GLN B 425 28.10 -11.38 -8.92
CA GLN B 425 27.13 -10.82 -9.82
C GLN B 425 26.66 -9.44 -9.32
N GLU B 426 26.33 -9.39 -8.02
CA GLU B 426 25.96 -8.16 -7.33
C GLU B 426 27.11 -7.19 -7.35
N LYS B 427 28.35 -7.70 -7.33
CA LYS B 427 29.53 -6.80 -7.47
C LYS B 427 29.48 -6.08 -8.82
N GLN B 428 29.04 -6.77 -9.86
CA GLN B 428 28.99 -6.14 -11.17
C GLN B 428 27.75 -5.23 -11.10
N ALA B 429 27.95 -4.01 -10.55
CA ALA B 429 26.87 -2.99 -10.43
C ALA B 429 27.50 -1.62 -10.18
PG ATP C . -10.07 6.64 -12.88
O1G ATP C . -9.27 6.65 -11.61
O2G ATP C . -9.31 7.22 -14.09
O3G ATP C . -10.74 5.30 -13.13
PB ATP C . -12.32 8.34 -13.45
O1B ATP C . -12.28 7.74 -14.82
O2B ATP C . -13.67 8.42 -12.79
O3B ATP C . -11.31 7.60 -12.45
PA ATP C . -12.28 11.12 -14.07
O1A ATP C . -11.37 11.44 -15.22
O2A ATP C . -13.77 10.90 -14.26
O3A ATP C . -11.65 9.80 -13.44
O5' ATP C . -12.02 12.24 -12.96
C5' ATP C . -12.67 12.18 -11.70
C4' ATP C . -11.82 12.92 -10.67
O4' ATP C . -11.56 14.23 -11.12
C3' ATP C . -12.51 13.08 -9.32
O3' ATP C . -11.46 12.90 -8.36
C2' ATP C . -13.01 14.51 -9.32
O2' ATP C . -13.16 15.03 -8.00
C1' ATP C . -11.93 15.19 -10.13
N9 ATP C . -12.34 16.44 -10.79
C8 ATP C . -13.35 16.57 -11.64
N7 ATP C . -13.45 17.84 -12.08
C5 ATP C . -12.48 18.54 -11.51
C6 ATP C . -12.03 19.94 -11.54
N6 ATP C . -12.67 20.84 -12.31
N1 ATP C . -10.97 20.28 -10.79
C2 ATP C . -10.33 19.37 -10.02
N3 ATP C . -10.69 18.08 -9.95
C4 ATP C . -11.75 17.61 -10.66
CA CA D . -10.38 7.35 -16.24
PG ATP E . 9.91 -6.62 13.07
O1G ATP E . 10.82 -5.47 13.46
O2G ATP E . 9.37 -7.29 14.34
O3G ATP E . 8.87 -6.25 12.02
PB ATP E . 10.55 -9.28 12.05
O1B ATP E . 9.18 -9.61 12.63
O2B ATP E . 10.85 -9.68 10.65
O3B ATP E . 10.84 -7.70 12.25
PA ATP E . 11.84 -11.37 13.52
O1A ATP E . 11.23 -11.39 14.87
O2A ATP E . 11.44 -12.36 12.48
O3A ATP E . 11.72 -9.87 12.98
O5' ATP E . 13.41 -11.49 13.74
C5' ATP E . 14.32 -11.17 12.70
C4' ATP E . 15.60 -10.60 13.29
O4' ATP E . 16.11 -11.41 14.34
C3' ATP E . 16.67 -10.54 12.22
O3' ATP E . 17.28 -9.27 12.35
C2' ATP E . 17.63 -11.63 12.62
O2' ATP E . 18.93 -11.36 12.15
C1' ATP E . 17.48 -11.68 14.13
N9 ATP E . 17.79 -13.03 14.66
C8 ATP E . 17.21 -14.20 14.32
N7 ATP E . 17.74 -15.25 15.00
C5 ATP E . 18.69 -14.74 15.80
C6 ATP E . 19.63 -15.28 16.78
N6 ATP E . 19.68 -16.60 17.06
N1 ATP E . 20.44 -14.41 17.40
C2 ATP E . 20.41 -13.10 17.14
N3 ATP E . 19.59 -12.53 16.25
C4 ATP E . 18.73 -13.29 15.56
CA CA F . 7.61 -8.88 14.41
#